data_8DYO
#
_entry.id   8DYO
#
_cell.length_a   1.00
_cell.length_b   1.00
_cell.length_c   1.00
_cell.angle_alpha   90.00
_cell.angle_beta   90.00
_cell.angle_gamma   90.00
#
_symmetry.space_group_name_H-M   'P 1'
#
loop_
_entity.id
_entity.type
_entity.pdbx_description
1 polymer Importin-4
2 polymer 'GTP-binding nuclear protein GSP1/CNR1'
3 non-polymer 'MAGNESIUM ION'
4 non-polymer "GUANOSINE-5'-TRIPHOSPHATE"
#
loop_
_entity_poly.entity_id
_entity_poly.type
_entity_poly.pdbx_seq_one_letter_code
_entity_poly.pdbx_strand_id
1 'polypeptide(L)'
;MESAGLEQLLRELLLPDTERIRRATEQLQIVLRAPAALPALCDLLASAADPQIRQFAAVLTRRRLNTRWRRLAAEQRESL
KSLILTALQRETEHCVSLSLAQLSATIFRKEGLEAWPQLLQLLQHSTHSPHSPEREMGLLLLSVVVTSRPEAFQPHHREL
LRLLNETLGEVGSPGLLFYSLRTLTTMAPYLSTEDVPLARMLVPKLIMAMQTLIPIDEAKACEALEALDELLESEVPVIT
PYLSEVLTFCLEVARNVALGNAIRIRILCCLTFLVKVKSKALLKNRLLPPLLHTLFPIVAAEPPPGQLDPEDQDSEEEEL
EIELMGETPKHFAVQVVDMLALHLPPEKLCPQLMPMLEEALRSESPYQRKAGLLVLAVLSDGAGDHIRQRLLPPLLQIVC
KGLEDPSQVVRNAALFALGQFSENLQPHISSYSREVMPLLLAYLKSVPLGHTHHLAKACYALENFVENLGPKVQPYLPEL
MECMLQLLRNPSSPRAKELAVSALGAIATAAQASLLPYFPAIMEHLREFLLTGREDLQPVQIQSLETLGVLARAVGEPMR
PLAEECCQLGLGLCDQVDDPDLRRCTYSLFAALSGLMGEGLAPHLEQITTLMLLSLRSTEGIVPQYDGSSSFLLFDDESD
GEEEEELMDEDVEEEDDSEISGYSVENAFFDEKEDTCAAVGEISVNTSVAFLPYMESVFEEVFKLLECPHLNVRKAAHEA
LGQFCCALHKACQSCPSEPNTAALQAALARVVPSYMQAVNRERERQVVMAVLEALTGVLRSCGTLTLKPPGRLAELCGVL
KAVLQRKTACQDTDEEEEEEDDDQAEYDAMLLEHAGEAIPALAAAAGGDSFAPFFAGFLPLLVCKTKQGCTVAEKSFAVG
TLAETIQGLGAASAQFVSRLLPVLLSTAQEADPEVRSNAIFGMGVLAEHGGHPAQEHFPKLLGLLFPLLARERHDRVRDN
ICGALARLLMASPTRKPEPQVLAALLHALPLKEDLEEWVTIGRLFSFLYQSSPDQVIDVAPELLRICSLILADNKIPPDT
KAALLLLLTFLAKQHTDSFQAALGSLPVDKAQELQAVLGLS
;
A
2 'polypeptide(L)'
;MSAPAANGEVPTFKLVLVGDGGTGKTTFVKRHLTGEFEKKYIATIGVEVHPLSFYTNFGEIKFDVWDTAGLEKFGGLRDG
YYINAQCAIIMFDVTSRITYKNVPNWHRDLVRVCENIPIVLCGNKVDVKERKVKAKTITFHRKKNLQYYDISAKSNYNFE
KPFLWLARKLAGNPQLEFVASPALAPPEVQVDEQLMQQYQQEMEQATALPLPDEDDADL
;
B
#
# COMPACT_ATOMS: atom_id res chain seq x y z
N ALA A 4 10.72 54.00 20.63
CA ALA A 4 11.00 55.20 21.42
C ALA A 4 10.92 56.44 20.54
N GLY A 5 9.70 56.86 20.21
CA GLY A 5 9.51 58.02 19.39
C GLY A 5 9.37 57.71 17.91
N LEU A 6 10.49 57.81 17.18
CA LEU A 6 10.46 57.62 15.73
C LEU A 6 9.94 56.24 15.34
N GLU A 7 10.25 55.21 16.13
CA GLU A 7 9.76 53.87 15.83
C GLU A 7 8.24 53.83 15.87
N GLN A 8 7.64 54.34 16.96
CA GLN A 8 6.19 54.38 17.07
C GLN A 8 5.58 55.25 15.98
N LEU A 9 6.22 56.36 15.64
CA LEU A 9 5.73 57.21 14.57
C LEU A 9 5.69 56.47 13.24
N LEU A 10 6.71 55.66 12.96
CA LEU A 10 6.69 54.82 11.77
C LEU A 10 5.56 53.80 11.86
N ARG A 11 5.37 53.19 13.03
CA ARG A 11 4.37 52.13 13.15
C ARG A 11 2.96 52.66 12.91
N GLU A 12 2.63 53.83 13.47
CA GLU A 12 1.26 54.35 13.35
C GLU A 12 0.84 54.49 11.89
N LEU A 13 1.79 54.71 10.99
CA LEU A 13 1.47 54.83 9.57
C LEU A 13 1.68 53.54 8.80
N LEU A 14 2.61 52.68 9.24
CA LEU A 14 2.90 51.47 8.48
C LEU A 14 2.00 50.28 8.86
N LEU A 15 1.29 50.35 9.98
CA LEU A 15 0.40 49.24 10.33
C LEU A 15 -0.72 49.01 9.32
N PRO A 16 -1.53 50.03 8.93
CA PRO A 16 -2.70 49.73 8.08
C PRO A 16 -2.35 49.11 6.73
N ASP A 17 -1.56 49.80 5.92
CA ASP A 17 -1.21 49.29 4.61
C ASP A 17 0.23 49.57 4.22
N THR A 18 1.06 50.06 5.14
CA THR A 18 2.43 50.53 4.92
C THR A 18 2.64 51.20 3.57
N GLU A 19 3.89 51.18 3.08
CA GLU A 19 4.24 51.78 1.80
C GLU A 19 5.22 50.88 1.07
N ARG A 20 5.21 50.98 -0.26
CA ARG A 20 6.16 50.21 -1.06
C ARG A 20 7.60 50.64 -0.76
N ILE A 21 7.84 51.95 -0.68
CA ILE A 21 9.17 52.43 -0.34
C ILE A 21 9.51 52.07 1.11
N ARG A 22 8.52 52.12 1.99
CA ARG A 22 8.74 51.68 3.37
C ARG A 22 8.96 50.17 3.44
N ARG A 23 8.32 49.42 2.54
CA ARG A 23 8.61 48.00 2.44
C ARG A 23 10.06 47.76 2.02
N ALA A 24 10.54 48.53 1.05
CA ALA A 24 11.92 48.39 0.59
C ALA A 24 12.92 48.94 1.60
N THR A 25 12.47 49.75 2.55
CA THR A 25 13.39 50.34 3.54
C THR A 25 14.03 49.25 4.40
N GLU A 26 13.21 48.36 4.95
CA GLU A 26 13.63 47.23 5.78
C GLU A 26 14.79 47.53 6.73
N GLN A 27 16.03 47.45 6.23
CA GLN A 27 17.19 47.52 7.09
C GLN A 27 17.34 48.91 7.72
N LEU A 28 16.99 49.96 6.97
CA LEU A 28 16.92 51.28 7.58
C LEU A 28 15.72 51.38 8.52
N GLN A 29 14.61 50.72 8.16
CA GLN A 29 13.49 50.61 9.07
C GLN A 29 13.87 49.81 10.31
N ILE A 30 14.65 48.75 10.14
CA ILE A 30 15.18 48.00 11.27
C ILE A 30 16.11 48.87 12.09
N VAL A 31 16.71 49.88 11.45
CA VAL A 31 17.66 50.81 12.07
C VAL A 31 18.88 49.97 12.48
N LEU A 32 19.23 49.00 11.63
CA LEU A 32 20.48 48.25 11.69
C LEU A 32 20.66 47.49 13.01
N ARG A 33 19.64 47.50 13.87
CA ARG A 33 19.72 46.92 15.22
C ARG A 33 20.78 47.64 16.04
N ALA A 34 22.04 47.47 15.66
CA ALA A 34 23.18 48.11 16.33
C ALA A 34 23.21 47.82 17.83
N PRO A 35 23.33 46.55 18.23
CA PRO A 35 23.35 46.23 19.66
C PRO A 35 24.75 46.40 20.24
N ALA A 36 24.92 47.43 21.07
CA ALA A 36 26.16 47.57 21.83
C ALA A 36 26.02 46.90 23.20
N ALA A 37 25.11 47.40 24.02
CA ALA A 37 24.66 46.74 25.23
C ALA A 37 23.16 46.52 25.24
N LEU A 38 22.39 47.52 24.82
CA LEU A 38 20.94 47.48 24.61
C LEU A 38 20.21 46.70 25.71
N PRO A 39 20.23 47.17 26.96
CA PRO A 39 19.51 46.44 28.01
C PRO A 39 17.99 46.48 27.81
N ALA A 40 17.42 47.68 27.78
CA ALA A 40 15.99 47.83 27.53
C ALA A 40 15.62 49.00 26.62
N LEU A 41 16.46 50.04 26.51
CA LEU A 41 16.02 51.27 25.85
C LEU A 41 15.86 51.09 24.35
N CYS A 42 16.81 50.42 23.70
CA CYS A 42 16.67 50.04 22.30
C CYS A 42 16.46 48.54 22.14
N ASP A 43 16.10 47.85 23.22
CA ASP A 43 15.84 46.42 23.18
C ASP A 43 14.45 46.05 23.65
N LEU A 44 13.79 46.90 24.44
CA LEU A 44 12.42 46.68 24.87
C LEU A 44 11.49 47.84 24.57
N LEU A 45 12.01 49.04 24.33
CA LEU A 45 11.21 50.25 24.14
C LEU A 45 10.25 50.46 25.32
N ALA A 46 10.72 50.09 26.52
CA ALA A 46 10.02 50.26 27.78
C ALA A 46 8.76 49.41 27.87
N SER A 47 8.41 48.71 26.78
CA SER A 47 7.24 47.86 26.70
C SER A 47 5.96 48.56 27.18
N ALA A 48 5.86 49.87 26.98
CA ALA A 48 4.71 50.64 27.47
C ALA A 48 4.26 51.57 26.34
N ALA A 49 3.30 51.11 25.55
CA ALA A 49 2.72 51.88 24.45
C ALA A 49 1.40 51.22 24.08
N ASP A 50 0.86 51.60 22.92
CA ASP A 50 -0.31 50.93 22.39
C ASP A 50 0.05 49.47 22.13
N PRO A 51 -0.67 48.51 22.70
CA PRO A 51 -0.25 47.10 22.59
C PRO A 51 -0.17 46.58 21.17
N GLN A 52 -0.94 47.17 20.24
CA GLN A 52 -0.92 46.71 18.86
C GLN A 52 0.51 46.67 18.32
N ILE A 53 1.29 47.70 18.60
CA ILE A 53 2.72 47.66 18.30
C ILE A 53 3.42 46.64 19.18
N ARG A 54 2.98 46.52 20.44
CA ARG A 54 3.76 45.79 21.44
C ARG A 54 3.83 44.30 21.14
N GLN A 55 2.80 43.72 20.51
CA GLN A 55 2.89 42.31 20.15
C GLN A 55 4.09 42.04 19.25
N PHE A 56 4.17 42.69 18.09
CA PHE A 56 5.31 42.39 17.23
C PHE A 56 6.61 42.99 17.77
N ALA A 57 6.54 44.00 18.64
CA ALA A 57 7.74 44.43 19.33
C ALA A 57 8.31 43.28 20.18
N ALA A 58 7.43 42.60 20.91
CA ALA A 58 7.86 41.44 21.69
C ALA A 58 8.33 40.31 20.78
N VAL A 59 7.71 40.17 19.61
CA VAL A 59 8.14 39.15 18.65
C VAL A 59 9.58 39.41 18.21
N LEU A 60 9.89 40.66 17.87
CA LEU A 60 11.26 41.01 17.49
C LEU A 60 12.22 40.84 18.66
N THR A 61 11.79 41.16 19.88
CA THR A 61 12.65 40.91 21.03
C THR A 61 12.96 39.42 21.17
N ARG A 62 11.95 38.58 20.97
CA ARG A 62 12.15 37.13 20.99
C ARG A 62 13.16 36.70 19.93
N ARG A 63 12.98 37.19 18.71
CA ARG A 63 13.88 36.83 17.62
C ARG A 63 15.31 37.24 17.93
N ARG A 64 15.49 38.43 18.50
CA ARG A 64 16.83 38.88 18.85
C ARG A 64 17.43 38.04 19.97
N LEU A 65 16.68 37.85 21.06
CA LEU A 65 17.23 37.13 22.20
C LEU A 65 17.47 35.66 21.91
N ASN A 66 16.86 35.12 20.86
CA ASN A 66 17.15 33.74 20.48
C ASN A 66 18.63 33.53 20.15
N THR A 67 19.35 34.59 19.81
CA THR A 67 20.77 34.50 19.50
C THR A 67 21.64 35.47 20.29
N ARG A 68 21.06 36.54 20.84
CA ARG A 68 21.87 37.56 21.51
C ARG A 68 22.45 37.10 22.84
N TRP A 69 21.96 36.00 23.41
CA TRP A 69 22.43 35.55 24.72
C TRP A 69 23.77 34.86 24.55
N ARG A 70 24.81 35.68 24.35
CA ARG A 70 26.19 35.22 24.41
C ARG A 70 27.04 36.01 25.39
N ARG A 71 26.64 37.24 25.76
CA ARG A 71 27.36 38.02 26.76
C ARG A 71 26.41 38.74 27.72
N LEU A 72 25.14 38.38 27.74
CA LEU A 72 24.16 39.08 28.58
C LEU A 72 24.52 38.94 30.05
N ALA A 73 24.34 40.04 30.79
CA ALA A 73 24.72 40.09 32.19
C ALA A 73 23.65 39.48 33.08
N ALA A 74 24.00 39.33 34.36
CA ALA A 74 23.06 38.76 35.33
C ALA A 74 21.85 39.67 35.53
N GLU A 75 22.06 40.98 35.56
CA GLU A 75 20.98 41.94 35.76
C GLU A 75 20.19 42.15 34.46
N GLN A 76 19.70 41.03 33.92
CA GLN A 76 18.90 41.07 32.71
C GLN A 76 17.69 40.14 32.77
N ARG A 77 17.55 39.33 33.82
CA ARG A 77 16.46 38.35 33.93
C ARG A 77 15.39 38.79 34.92
N GLU A 78 15.79 39.32 36.08
CA GLU A 78 14.81 39.85 37.03
C GLU A 78 14.00 40.97 36.41
N SER A 79 14.65 41.80 35.59
CA SER A 79 13.94 42.89 34.92
C SER A 79 12.86 42.35 33.98
N LEU A 80 13.22 41.40 33.13
CA LEU A 80 12.26 40.87 32.17
C LEU A 80 11.12 40.13 32.87
N LYS A 81 11.43 39.32 33.89
CA LYS A 81 10.36 38.60 34.57
C LYS A 81 9.45 39.56 35.32
N SER A 82 10.03 40.60 35.94
CA SER A 82 9.21 41.60 36.62
C SER A 82 8.29 42.31 35.63
N LEU A 83 8.82 42.65 34.45
CA LEU A 83 7.99 43.27 33.43
C LEU A 83 6.89 42.33 32.95
N ILE A 84 7.19 41.04 32.82
CA ILE A 84 6.16 40.07 32.44
C ILE A 84 5.05 40.03 33.49
N LEU A 85 5.43 40.03 34.77
CA LEU A 85 4.42 40.10 35.83
C LEU A 85 3.59 41.37 35.75
N THR A 86 4.24 42.51 35.51
CA THR A 86 3.50 43.77 35.39
C THR A 86 2.51 43.71 34.22
N ALA A 87 2.95 43.15 33.09
CA ALA A 87 2.06 43.00 31.94
C ALA A 87 0.93 42.02 32.23
N LEU A 88 1.18 41.00 33.04
CA LEU A 88 0.11 40.12 33.48
C LEU A 88 -0.92 40.89 34.30
N GLN A 89 -0.45 41.78 35.19
CA GLN A 89 -1.38 42.62 35.93
C GLN A 89 -1.97 43.71 35.03
N ARG A 90 -1.23 44.13 34.00
CA ARG A 90 -1.67 45.19 33.10
C ARG A 90 -2.13 44.56 31.79
N GLU A 91 -3.39 44.14 31.76
CA GLU A 91 -3.98 43.49 30.59
C GLU A 91 -5.26 44.22 30.21
N THR A 92 -5.45 44.43 28.91
CA THR A 92 -6.63 45.09 28.39
C THR A 92 -7.30 44.38 27.22
N GLU A 93 -6.59 43.55 26.48
CA GLU A 93 -7.15 42.87 25.32
C GLU A 93 -6.75 41.39 25.36
N HIS A 94 -7.65 40.54 24.85
CA HIS A 94 -7.42 39.10 24.89
C HIS A 94 -6.19 38.70 24.08
N CYS A 95 -6.03 39.28 22.88
CA CYS A 95 -4.88 38.95 22.05
C CYS A 95 -3.57 39.41 22.70
N VAL A 96 -3.61 40.54 23.40
CA VAL A 96 -2.42 41.01 24.11
C VAL A 96 -2.03 40.02 25.20
N SER A 97 -3.02 39.53 25.96
CA SER A 97 -2.74 38.52 26.97
C SER A 97 -2.18 37.25 26.34
N LEU A 98 -2.72 36.85 25.18
CA LEU A 98 -2.19 35.70 24.47
C LEU A 98 -0.73 35.91 24.10
N SER A 99 -0.40 37.11 23.59
CA SER A 99 0.97 37.40 23.19
C SER A 99 1.92 37.36 24.39
N LEU A 100 1.50 37.95 25.51
CA LEU A 100 2.36 37.92 26.70
C LEU A 100 2.53 36.51 27.24
N ALA A 101 1.47 35.70 27.20
CA ALA A 101 1.59 34.31 27.61
C ALA A 101 2.57 33.56 26.71
N GLN A 102 2.49 33.82 25.40
CA GLN A 102 3.43 33.21 24.46
C GLN A 102 4.86 33.64 24.76
N LEU A 103 5.06 34.92 25.05
CA LEU A 103 6.40 35.40 25.37
C LEU A 103 6.93 34.75 26.65
N SER A 104 6.09 34.60 27.67
CA SER A 104 6.50 33.93 28.89
C SER A 104 6.87 32.47 28.62
N ALA A 105 6.04 31.77 27.84
CA ALA A 105 6.32 30.37 27.53
C ALA A 105 7.61 30.23 26.75
N THR A 106 7.86 31.13 25.80
CA THR A 106 9.05 31.05 24.95
C THR A 106 10.28 31.65 25.60
N ILE A 107 10.16 32.34 26.73
CA ILE A 107 11.33 32.79 27.48
C ILE A 107 11.62 31.75 28.54
N PHE A 108 10.63 30.90 28.84
CA PHE A 108 10.85 29.75 29.71
C PHE A 108 11.62 28.64 29.00
N ARG A 109 12.16 28.90 27.81
CA ARG A 109 12.82 27.86 27.02
C ARG A 109 14.05 27.30 27.71
N LYS A 110 14.84 28.13 28.39
CA LYS A 110 16.05 27.65 29.04
C LYS A 110 16.04 28.07 30.50
N GLU A 111 17.16 27.75 31.19
CA GLU A 111 17.33 27.89 32.64
C GLU A 111 16.49 26.83 33.35
N GLY A 112 15.67 26.09 32.60
CA GLY A 112 14.89 24.98 33.09
C GLY A 112 14.22 25.17 34.42
N LEU A 113 14.41 24.20 35.31
CA LEU A 113 13.84 24.25 36.65
C LEU A 113 14.77 25.03 37.57
N GLU A 114 14.53 24.95 38.88
CA GLU A 114 15.36 25.60 39.89
C GLU A 114 15.42 27.11 39.70
N ALA A 115 14.33 27.70 39.24
CA ALA A 115 14.27 29.14 39.02
C ALA A 115 12.83 29.59 39.03
N TRP A 116 12.65 30.90 39.25
CA TRP A 116 11.36 31.58 39.25
C TRP A 116 10.39 30.98 40.28
N PRO A 117 10.59 31.21 41.57
CA PRO A 117 9.54 30.85 42.55
C PRO A 117 8.25 31.64 42.36
N GLN A 118 8.32 32.82 41.74
CA GLN A 118 7.13 33.65 41.61
C GLN A 118 6.09 33.00 40.69
N LEU A 119 6.52 32.17 39.74
CA LEU A 119 5.53 31.44 38.96
C LEU A 119 4.76 30.47 39.83
N LEU A 120 5.44 29.83 40.78
CA LEU A 120 4.75 28.95 41.72
C LEU A 120 3.80 29.76 42.62
N GLN A 121 4.23 30.93 43.08
CA GLN A 121 3.33 31.73 43.90
C GLN A 121 2.11 32.19 43.09
N LEU A 122 2.32 32.52 41.82
CA LEU A 122 1.19 32.80 40.93
C LEU A 122 0.30 31.57 40.75
N LEU A 123 0.91 30.39 40.74
CA LEU A 123 0.12 29.16 40.63
C LEU A 123 -0.82 29.01 41.82
N GLN A 124 -0.30 29.22 43.03
CA GLN A 124 -1.17 29.19 44.21
C GLN A 124 -2.23 30.28 44.14
N HIS A 125 -1.86 31.50 43.71
CA HIS A 125 -2.83 32.58 43.59
C HIS A 125 -3.95 32.20 42.62
N SER A 126 -3.59 31.63 41.48
CA SER A 126 -4.60 31.22 40.49
C SER A 126 -5.45 30.07 41.01
N THR A 127 -4.88 29.17 41.82
CA THR A 127 -5.70 28.14 42.44
C THR A 127 -6.73 28.77 43.37
N HIS A 128 -6.35 29.78 44.14
CA HIS A 128 -7.32 30.44 45.00
C HIS A 128 -8.20 31.40 44.19
N SER A 129 -7.60 32.46 43.66
CA SER A 129 -8.15 33.41 42.69
C SER A 129 -9.65 33.62 42.80
N PRO A 130 -10.16 34.18 43.90
CA PRO A 130 -11.60 34.47 43.96
C PRO A 130 -12.08 35.36 42.84
N HIS A 131 -11.28 36.36 42.46
CA HIS A 131 -11.57 37.17 41.29
C HIS A 131 -11.48 36.31 40.02
N SER A 132 -12.44 36.50 39.11
CA SER A 132 -12.52 35.67 37.92
C SER A 132 -11.52 36.03 36.82
N PRO A 133 -11.43 37.28 36.36
CA PRO A 133 -10.58 37.54 35.18
C PRO A 133 -9.13 37.21 35.41
N GLU A 134 -8.60 37.54 36.59
CA GLU A 134 -7.24 37.15 36.92
C GLU A 134 -7.13 35.64 37.06
N ARG A 135 -8.21 34.96 37.47
CA ARG A 135 -8.19 33.51 37.51
C ARG A 135 -8.02 32.93 36.10
N GLU A 136 -8.77 33.44 35.12
CA GLU A 136 -8.60 32.93 33.76
C GLU A 136 -7.23 33.29 33.19
N MET A 137 -6.71 34.48 33.50
CA MET A 137 -5.37 34.81 33.04
C MET A 137 -4.33 33.89 33.66
N GLY A 138 -4.48 33.57 34.94
CA GLY A 138 -3.60 32.60 35.57
C GLY A 138 -3.69 31.23 34.92
N LEU A 139 -4.92 30.78 34.63
CA LEU A 139 -5.09 29.50 33.95
C LEU A 139 -4.40 29.48 32.60
N LEU A 140 -4.55 30.56 31.81
CA LEU A 140 -3.93 30.58 30.50
C LEU A 140 -2.40 30.62 30.61
N LEU A 141 -1.85 31.38 31.57
CA LEU A 141 -0.40 31.44 31.67
C LEU A 141 0.18 30.11 32.17
N LEU A 142 -0.50 29.45 33.12
CA LEU A 142 -0.10 28.11 33.50
C LEU A 142 -0.19 27.15 32.31
N SER A 143 -1.23 27.29 31.49
CA SER A 143 -1.36 26.43 30.32
C SER A 143 -0.19 26.61 29.36
N VAL A 144 0.18 27.86 29.09
CA VAL A 144 1.26 28.10 28.13
C VAL A 144 2.60 27.66 28.71
N VAL A 145 2.81 27.84 30.02
CA VAL A 145 4.09 27.41 30.57
C VAL A 145 4.18 25.90 30.62
N VAL A 146 3.06 25.20 30.84
CA VAL A 146 3.05 23.75 30.71
C VAL A 146 3.33 23.35 29.27
N THR A 147 2.78 24.08 28.32
CA THR A 147 3.08 23.82 26.91
C THR A 147 4.57 24.01 26.62
N SER A 148 5.23 24.92 27.36
CA SER A 148 6.65 25.17 27.14
C SER A 148 7.49 23.92 27.43
N ARG A 149 7.31 23.32 28.60
CA ARG A 149 8.05 22.13 28.98
C ARG A 149 7.12 20.93 28.98
N PRO A 150 7.32 19.96 28.08
CA PRO A 150 6.37 18.84 27.96
C PRO A 150 6.22 18.01 29.22
N GLU A 151 7.32 17.44 29.73
CA GLU A 151 7.24 16.54 30.88
C GLU A 151 8.40 16.75 31.84
N ALA A 152 8.95 17.97 31.89
CA ALA A 152 10.07 18.22 32.79
C ALA A 152 9.63 18.16 34.25
N PHE A 153 8.43 18.65 34.55
CA PHE A 153 7.94 18.75 35.93
C PHE A 153 7.08 17.54 36.31
N GLN A 154 7.72 16.37 36.27
CA GLN A 154 7.02 15.15 36.68
C GLN A 154 6.52 15.21 38.11
N PRO A 155 7.32 15.58 39.12
CA PRO A 155 6.77 15.69 40.47
C PRO A 155 5.62 16.67 40.59
N HIS A 156 5.64 17.76 39.81
CA HIS A 156 4.55 18.71 39.81
C HIS A 156 3.27 18.12 39.22
N HIS A 157 3.36 17.02 38.49
CA HIS A 157 2.18 16.44 37.84
C HIS A 157 1.07 16.19 38.86
N ARG A 158 1.38 15.49 39.95
CA ARG A 158 0.42 15.32 41.03
C ARG A 158 -0.14 16.67 41.47
N GLU A 159 0.75 17.63 41.75
CA GLU A 159 0.31 18.98 42.07
C GLU A 159 -0.63 19.49 41.00
N LEU A 160 -0.22 19.40 39.73
CA LEU A 160 -1.08 19.82 38.64
C LEU A 160 -2.38 19.03 38.65
N LEU A 161 -2.29 17.72 38.86
CA LEU A 161 -3.50 16.92 38.99
C LEU A 161 -4.33 17.41 40.18
N ARG A 162 -3.66 17.69 41.30
CA ARG A 162 -4.35 18.30 42.42
C ARG A 162 -4.92 19.65 42.03
N LEU A 163 -4.14 20.43 41.26
CA LEU A 163 -4.67 21.67 40.69
C LEU A 163 -5.95 21.41 39.91
N LEU A 164 -5.99 20.30 39.17
CA LEU A 164 -7.18 19.97 38.40
C LEU A 164 -8.42 19.91 39.28
N ASN A 165 -8.25 19.47 40.53
CA ASN A 165 -9.39 19.41 41.44
C ASN A 165 -10.04 20.78 41.59
N GLU A 166 -9.23 21.84 41.76
CA GLU A 166 -9.80 23.18 41.81
C GLU A 166 -10.51 23.52 40.51
N THR A 167 -9.92 23.13 39.37
CA THR A 167 -10.59 23.34 38.10
C THR A 167 -11.91 22.60 38.00
N LEU A 168 -12.09 21.54 38.79
CA LEU A 168 -13.37 20.84 38.82
C LEU A 168 -14.48 21.67 39.44
N GLY A 169 -14.14 22.70 40.21
CA GLY A 169 -15.14 23.40 41.02
C GLY A 169 -15.86 24.55 40.36
N GLU A 170 -15.37 25.05 39.23
CA GLU A 170 -15.97 26.21 38.57
C GLU A 170 -16.40 25.83 37.15
N VAL A 171 -17.68 25.51 36.99
CA VAL A 171 -18.29 25.40 35.65
C VAL A 171 -18.85 26.78 35.32
N GLY A 172 -17.97 27.63 34.82
CA GLY A 172 -18.32 29.03 34.63
C GLY A 172 -18.14 29.56 33.23
N SER A 173 -17.29 30.57 33.07
CA SER A 173 -17.13 31.25 31.80
C SER A 173 -16.57 30.28 30.76
N PRO A 174 -17.01 30.40 29.50
CA PRO A 174 -16.45 29.52 28.45
C PRO A 174 -14.95 29.67 28.26
N GLY A 175 -14.41 30.87 28.50
CA GLY A 175 -12.96 31.04 28.37
C GLY A 175 -12.19 30.20 29.37
N LEU A 176 -12.67 30.13 30.61
CA LEU A 176 -12.02 29.28 31.61
C LEU A 176 -12.06 27.82 31.20
N LEU A 177 -13.18 27.36 30.68
CA LEU A 177 -13.28 25.97 30.22
C LEU A 177 -12.34 25.72 29.05
N PHE A 178 -12.27 26.67 28.11
CA PHE A 178 -11.34 26.53 26.99
C PHE A 178 -9.91 26.43 27.48
N TYR A 179 -9.54 27.28 28.44
CA TYR A 179 -8.19 27.24 28.99
C TYR A 179 -7.91 25.91 29.67
N SER A 180 -8.85 25.41 30.47
CA SER A 180 -8.63 24.17 31.21
C SER A 180 -8.50 22.98 30.26
N LEU A 181 -9.37 22.91 29.25
CA LEU A 181 -9.29 21.78 28.31
C LEU A 181 -8.07 21.87 27.41
N ARG A 182 -7.65 23.07 27.02
CA ARG A 182 -6.43 23.13 26.23
C ARG A 182 -5.20 22.89 27.10
N THR A 183 -5.33 23.11 28.41
CA THR A 183 -4.29 22.71 29.36
C THR A 183 -4.17 21.19 29.41
N LEU A 184 -5.30 20.50 29.60
CA LEU A 184 -5.25 19.04 29.62
C LEU A 184 -4.87 18.47 28.26
N THR A 185 -5.06 19.24 27.18
CA THR A 185 -4.56 18.82 25.88
C THR A 185 -3.06 18.60 25.92
N THR A 186 -2.31 19.58 26.43
CA THR A 186 -0.87 19.43 26.58
C THR A 186 -0.51 18.50 27.74
N MET A 187 -1.41 18.33 28.71
CA MET A 187 -1.17 17.39 29.79
C MET A 187 -1.22 15.94 29.30
N ALA A 188 -2.05 15.66 28.30
CA ALA A 188 -2.21 14.29 27.80
C ALA A 188 -0.92 13.61 27.39
N PRO A 189 0.01 14.24 26.64
CA PRO A 189 1.26 13.55 26.29
C PRO A 189 2.14 13.18 27.49
N TYR A 190 1.76 13.55 28.72
CA TYR A 190 2.52 13.12 29.89
C TYR A 190 2.54 11.60 30.00
N LEU A 191 1.41 10.95 29.71
CA LEU A 191 1.29 9.49 29.76
C LEU A 191 1.66 8.95 31.14
N SER A 192 0.88 9.37 32.14
CA SER A 192 1.12 8.91 33.50
C SER A 192 0.71 7.45 33.66
N THR A 193 -0.58 7.16 33.47
CA THR A 193 -1.17 5.82 33.50
C THR A 193 -1.01 5.15 34.87
N GLU A 194 -0.36 5.82 35.83
CA GLU A 194 -0.10 5.25 37.13
C GLU A 194 -0.67 6.06 38.29
N ASP A 195 -1.14 7.29 38.05
CA ASP A 195 -1.68 8.11 39.11
C ASP A 195 -3.02 7.56 39.58
N VAL A 196 -3.65 8.29 40.51
CA VAL A 196 -4.90 7.85 41.13
C VAL A 196 -5.98 7.73 40.06
N PRO A 197 -6.67 6.59 39.97
CA PRO A 197 -7.76 6.45 39.00
C PRO A 197 -8.98 7.31 39.32
N LEU A 198 -9.03 7.90 40.51
CA LEU A 198 -10.17 8.72 40.92
C LEU A 198 -10.31 10.00 40.11
N ALA A 199 -9.45 10.23 39.12
CA ALA A 199 -9.52 11.44 38.30
C ALA A 199 -10.75 11.33 37.39
N ARG A 200 -11.83 11.97 37.80
CA ARG A 200 -13.08 11.96 37.05
C ARG A 200 -13.78 13.29 37.35
N MET A 201 -15.09 13.35 37.06
CA MET A 201 -15.91 14.55 37.04
C MET A 201 -15.54 15.47 35.89
N LEU A 202 -14.50 15.13 35.12
CA LEU A 202 -14.19 15.89 33.91
C LEU A 202 -15.23 15.64 32.82
N VAL A 203 -15.87 14.47 32.83
CA VAL A 203 -16.87 14.17 31.82
C VAL A 203 -18.05 15.14 31.87
N PRO A 204 -18.70 15.38 33.01
CA PRO A 204 -19.78 16.38 33.02
C PRO A 204 -19.31 17.77 32.61
N LYS A 205 -18.10 18.17 33.01
CA LYS A 205 -17.60 19.48 32.65
C LYS A 205 -17.40 19.61 31.15
N LEU A 206 -16.83 18.58 30.51
CA LEU A 206 -16.67 18.65 29.06
C LEU A 206 -18.01 18.58 28.34
N ILE A 207 -18.97 17.83 28.90
CA ILE A 207 -20.31 17.79 28.31
C ILE A 207 -20.91 19.19 28.33
N MET A 208 -20.83 19.86 29.49
CA MET A 208 -21.37 21.22 29.58
C MET A 208 -20.59 22.19 28.70
N ALA A 209 -19.28 22.02 28.58
CA ALA A 209 -18.49 22.91 27.75
C ALA A 209 -18.92 22.80 26.29
N MET A 210 -19.03 21.59 25.77
CA MET A 210 -19.46 21.43 24.39
C MET A 210 -20.92 21.87 24.22
N GLN A 211 -21.76 21.67 25.23
CA GLN A 211 -23.14 22.15 25.16
C GLN A 211 -23.18 23.66 25.01
N THR A 212 -22.39 24.37 25.80
CA THR A 212 -22.33 25.83 25.70
C THR A 212 -21.68 26.28 24.40
N LEU A 213 -20.76 25.49 23.86
CA LEU A 213 -20.06 25.89 22.65
C LEU A 213 -20.82 25.56 21.37
N ILE A 214 -21.83 24.69 21.42
CA ILE A 214 -22.69 24.48 20.25
C ILE A 214 -23.24 25.81 19.70
N PRO A 215 -23.78 26.71 20.53
CA PRO A 215 -24.18 28.02 19.98
C PRO A 215 -23.05 29.03 19.89
N ILE A 216 -21.87 28.74 20.44
CA ILE A 216 -20.79 29.72 20.48
C ILE A 216 -19.77 29.43 19.40
N ASP A 217 -19.16 28.25 19.44
CA ASP A 217 -18.12 27.90 18.47
C ASP A 217 -18.01 26.38 18.37
N GLU A 218 -18.02 25.88 17.13
CA GLU A 218 -17.87 24.45 16.89
C GLU A 218 -16.44 23.99 17.15
N ALA A 219 -15.45 24.84 16.83
CA ALA A 219 -14.06 24.42 16.87
C ALA A 219 -13.59 24.14 18.29
N LYS A 220 -14.11 24.87 19.27
CA LYS A 220 -13.64 24.70 20.64
C LYS A 220 -13.96 23.29 21.14
N ALA A 221 -15.18 22.82 20.89
CA ALA A 221 -15.50 21.43 21.17
C ALA A 221 -14.66 20.49 20.32
N CYS A 222 -14.29 20.92 19.10
CA CYS A 222 -13.39 20.10 18.30
C CYS A 222 -12.10 19.81 19.06
N GLU A 223 -11.36 20.86 19.44
CA GLU A 223 -10.11 20.61 20.15
C GLU A 223 -10.36 19.90 21.48
N ALA A 224 -11.53 20.10 22.08
CA ALA A 224 -11.90 19.28 23.24
C ALA A 224 -11.86 17.79 22.89
N LEU A 225 -12.45 17.41 21.75
CA LEU A 225 -12.46 15.99 21.39
C LEU A 225 -11.11 15.44 20.99
N GLU A 226 -10.26 16.17 20.24
CA GLU A 226 -8.95 15.54 20.02
C GLU A 226 -8.12 15.54 21.30
N ALA A 227 -8.37 16.47 22.22
CA ALA A 227 -7.75 16.34 23.54
C ALA A 227 -8.18 15.06 24.23
N LEU A 228 -9.50 14.77 24.22
CA LEU A 228 -9.99 13.55 24.84
C LEU A 228 -9.41 12.31 24.16
N ASP A 229 -9.30 12.34 22.83
CA ASP A 229 -8.71 11.22 22.10
C ASP A 229 -7.25 11.04 22.47
N GLU A 230 -6.50 12.13 22.62
CA GLU A 230 -5.10 12.02 22.97
C GLU A 230 -4.92 11.57 24.42
N LEU A 231 -5.93 11.78 25.27
CA LEU A 231 -5.83 11.35 26.66
C LEU A 231 -5.58 9.84 26.75
N LEU A 232 -6.34 9.04 26.02
CA LEU A 232 -6.22 7.59 26.08
C LEU A 232 -5.17 7.12 25.07
N GLU A 233 -4.04 6.63 25.59
CA GLU A 233 -3.01 6.00 24.78
C GLU A 233 -2.46 4.73 25.40
N SER A 234 -2.81 4.40 26.63
CA SER A 234 -2.32 3.21 27.31
C SER A 234 -3.43 2.70 28.23
N GLU A 235 -3.08 1.84 29.18
CA GLU A 235 -4.05 1.21 30.07
C GLU A 235 -4.53 2.22 31.12
N VAL A 236 -5.39 3.12 30.66
CA VAL A 236 -5.99 4.09 31.58
C VAL A 236 -7.03 3.39 32.45
N PRO A 237 -6.92 3.48 33.77
CA PRO A 237 -7.79 2.67 34.64
C PRO A 237 -9.20 3.21 34.82
N VAL A 238 -9.50 4.41 34.33
CA VAL A 238 -10.78 5.06 34.60
C VAL A 238 -11.65 5.19 33.37
N ILE A 239 -11.08 5.13 32.16
CA ILE A 239 -11.90 5.30 30.95
C ILE A 239 -12.74 4.06 30.70
N THR A 240 -12.22 2.88 31.02
CA THR A 240 -12.89 1.64 30.63
C THR A 240 -14.30 1.45 31.20
N PRO A 241 -14.58 1.68 32.50
CA PRO A 241 -15.92 1.35 33.02
C PRO A 241 -17.04 2.15 32.39
N TYR A 242 -16.96 3.48 32.44
CA TYR A 242 -18.01 4.36 31.95
C TYR A 242 -17.50 5.05 30.69
N LEU A 243 -17.92 4.53 29.54
CA LEU A 243 -17.52 5.05 28.24
C LEU A 243 -18.68 5.28 27.29
N SER A 244 -19.81 4.58 27.50
CA SER A 244 -20.92 4.68 26.57
C SER A 244 -21.61 6.04 26.66
N GLU A 245 -21.60 6.67 27.85
CA GLU A 245 -22.36 7.89 28.05
C GLU A 245 -21.86 9.02 27.15
N VAL A 246 -20.54 9.15 26.99
CA VAL A 246 -19.99 10.26 26.21
C VAL A 246 -20.31 10.07 24.72
N LEU A 247 -20.22 8.83 24.23
CA LEU A 247 -20.53 8.59 22.83
C LEU A 247 -22.03 8.78 22.56
N THR A 248 -22.88 8.36 23.50
CA THR A 248 -24.31 8.61 23.35
C THR A 248 -24.58 10.11 23.31
N PHE A 249 -23.93 10.88 24.18
CA PHE A 249 -24.14 12.32 24.18
C PHE A 249 -23.68 12.94 22.86
N CYS A 250 -22.51 12.53 22.36
CA CYS A 250 -22.01 13.14 21.14
C CYS A 250 -22.88 12.79 19.95
N LEU A 251 -23.41 11.57 19.88
CA LEU A 251 -24.31 11.26 18.78
C LEU A 251 -25.62 12.02 18.90
N GLU A 252 -26.19 12.12 20.11
CA GLU A 252 -27.47 12.80 20.24
C GLU A 252 -27.35 14.29 20.00
N VAL A 253 -26.17 14.88 20.27
CA VAL A 253 -25.97 16.28 19.89
C VAL A 253 -25.61 16.40 18.42
N ALA A 254 -25.06 15.34 17.81
CA ALA A 254 -24.92 15.30 16.36
C ALA A 254 -26.27 15.25 15.66
N ARG A 255 -27.32 14.81 16.36
CA ARG A 255 -28.66 14.90 15.80
C ARG A 255 -29.11 16.34 15.61
N ASN A 256 -28.41 17.31 16.19
CA ASN A 256 -28.60 18.72 15.85
C ASN A 256 -27.99 18.98 14.48
N VAL A 257 -28.82 18.84 13.43
CA VAL A 257 -28.32 19.00 12.07
C VAL A 257 -27.85 20.41 11.78
N ALA A 258 -28.31 21.40 12.54
CA ALA A 258 -27.93 22.80 12.32
C ALA A 258 -26.53 23.03 12.87
N LEU A 259 -25.55 22.43 12.18
CA LEU A 259 -24.15 22.57 12.56
C LEU A 259 -23.28 22.15 11.37
N GLY A 260 -22.07 22.69 11.33
CA GLY A 260 -21.14 22.32 10.27
C GLY A 260 -20.75 20.86 10.38
N ASN A 261 -20.48 20.24 9.23
CA ASN A 261 -20.23 18.80 9.18
C ASN A 261 -18.97 18.39 9.94
N ALA A 262 -18.12 19.35 10.31
CA ALA A 262 -16.94 19.01 11.12
C ALA A 262 -17.34 18.33 12.42
N ILE A 263 -18.52 18.66 12.97
CA ILE A 263 -19.01 17.98 14.16
C ILE A 263 -19.09 16.48 13.91
N ARG A 264 -19.71 16.08 12.79
CA ARG A 264 -19.75 14.67 12.42
C ARG A 264 -18.35 14.13 12.18
N ILE A 265 -17.51 14.90 11.48
CA ILE A 265 -16.18 14.42 11.15
C ILE A 265 -15.44 13.99 12.41
N ARG A 266 -15.43 14.85 13.44
CA ARG A 266 -14.57 14.45 14.54
C ARG A 266 -15.27 13.61 15.59
N ILE A 267 -16.61 13.61 15.67
CA ILE A 267 -17.25 12.57 16.49
C ILE A 267 -16.97 11.18 15.90
N LEU A 268 -17.07 11.04 14.58
CA LEU A 268 -16.79 9.73 13.99
C LEU A 268 -15.32 9.35 14.12
N CYS A 269 -14.39 10.29 13.96
CA CYS A 269 -12.99 9.89 14.11
C CYS A 269 -12.70 9.51 15.56
N CYS A 270 -13.23 10.28 16.52
CA CYS A 270 -13.01 9.94 17.92
C CYS A 270 -13.59 8.56 18.24
N LEU A 271 -14.77 8.26 17.68
CA LEU A 271 -15.33 6.93 17.85
C LEU A 271 -14.42 5.86 17.26
N THR A 272 -13.84 6.12 16.09
CA THR A 272 -12.97 5.13 15.46
C THR A 272 -11.74 4.86 16.31
N PHE A 273 -11.10 5.91 16.82
CA PHE A 273 -9.97 5.70 17.73
C PHE A 273 -10.38 4.98 19.00
N LEU A 274 -11.54 5.32 19.57
CA LEU A 274 -12.01 4.59 20.73
C LEU A 274 -12.15 3.10 20.42
N VAL A 275 -12.63 2.78 19.21
CA VAL A 275 -12.80 1.38 18.84
C VAL A 275 -11.45 0.68 18.67
N LYS A 276 -10.50 1.31 17.96
CA LYS A 276 -9.24 0.62 17.74
C LYS A 276 -8.43 0.50 19.02
N VAL A 277 -8.67 1.39 19.99
CA VAL A 277 -8.08 1.20 21.32
C VAL A 277 -8.63 -0.08 21.95
N LYS A 278 -9.95 -0.24 21.94
CA LYS A 278 -10.60 -1.46 22.40
C LYS A 278 -12.05 -1.50 21.95
N SER A 279 -12.59 -2.70 21.76
CA SER A 279 -13.98 -2.84 21.34
C SER A 279 -14.67 -4.03 22.03
N LYS A 280 -14.14 -4.49 23.17
CA LYS A 280 -14.73 -5.62 23.86
C LYS A 280 -15.90 -5.21 24.76
N ALA A 281 -16.05 -3.92 25.05
CA ALA A 281 -17.13 -3.48 25.93
C ALA A 281 -18.50 -3.81 25.37
N LEU A 282 -18.65 -3.73 24.04
CA LEU A 282 -19.91 -4.06 23.41
C LEU A 282 -20.28 -5.53 23.59
N LEU A 283 -19.32 -6.38 23.98
CA LEU A 283 -19.68 -7.74 24.35
C LEU A 283 -20.59 -7.77 25.55
N LYS A 284 -20.35 -6.89 26.52
CA LYS A 284 -21.15 -6.86 27.74
C LYS A 284 -22.53 -6.26 27.51
N ASN A 285 -22.62 -5.18 26.73
CA ASN A 285 -23.88 -4.48 26.54
C ASN A 285 -24.16 -4.29 25.05
N ARG A 286 -25.45 -4.30 24.70
CA ARG A 286 -25.89 -4.21 23.30
C ARG A 286 -25.87 -2.76 22.84
N LEU A 287 -24.65 -2.21 22.72
CA LEU A 287 -24.47 -0.84 22.29
C LEU A 287 -24.47 -0.68 20.78
N LEU A 288 -24.28 -1.76 20.02
CA LEU A 288 -24.37 -1.64 18.56
C LEU A 288 -25.74 -1.22 18.06
N PRO A 289 -26.85 -1.84 18.48
CA PRO A 289 -28.16 -1.51 17.88
C PRO A 289 -28.51 -0.04 18.02
N PRO A 290 -28.28 0.61 19.18
CA PRO A 290 -28.49 2.07 19.21
C PRO A 290 -27.59 2.82 18.26
N LEU A 291 -26.33 2.38 18.09
CA LEU A 291 -25.45 3.04 17.13
C LEU A 291 -25.97 2.92 15.71
N LEU A 292 -26.45 1.74 15.34
CA LEU A 292 -26.99 1.54 13.99
C LEU A 292 -28.26 2.36 13.78
N HIS A 293 -29.13 2.40 14.79
CA HIS A 293 -30.32 3.26 14.69
C HIS A 293 -29.93 4.72 14.57
N THR A 294 -28.86 5.13 15.25
CA THR A 294 -28.38 6.50 15.15
C THR A 294 -27.82 6.81 13.76
N LEU A 295 -27.00 5.91 13.21
CA LEU A 295 -26.33 6.18 11.95
C LEU A 295 -27.23 5.95 10.74
N PHE A 296 -28.33 5.23 10.88
CA PHE A 296 -29.21 4.99 9.73
C PHE A 296 -29.73 6.30 9.14
N PRO A 297 -30.23 7.28 9.91
CA PRO A 297 -30.52 8.59 9.30
C PRO A 297 -29.29 9.25 8.71
N ILE A 298 -28.12 9.04 9.30
CA ILE A 298 -26.89 9.58 8.73
C ILE A 298 -26.63 8.98 7.36
N VAL A 299 -26.83 7.68 7.23
CA VAL A 299 -26.64 7.00 5.94
C VAL A 299 -27.59 7.55 4.90
N ALA A 300 -28.82 7.87 5.30
CA ALA A 300 -29.84 8.43 4.43
C ALA A 300 -30.09 9.90 4.74
N ALA A 301 -29.02 10.65 5.01
CA ALA A 301 -29.15 12.05 5.38
C ALA A 301 -29.75 12.86 4.24
N GLU A 302 -30.64 13.79 4.61
CA GLU A 302 -31.33 14.64 3.65
C GLU A 302 -30.95 16.10 3.88
N PRO A 303 -30.58 16.83 2.83
CA PRO A 303 -30.26 18.26 3.01
C PRO A 303 -31.47 19.01 3.53
N PRO A 304 -31.28 19.93 4.48
CA PRO A 304 -32.40 20.70 5.03
C PRO A 304 -33.16 21.47 3.97
N PRO A 305 -32.51 22.05 2.94
CA PRO A 305 -33.29 22.67 1.85
C PRO A 305 -33.53 21.78 0.64
N GLY A 306 -33.15 20.50 0.70
CA GLY A 306 -33.28 19.65 -0.47
C GLY A 306 -32.31 19.94 -1.58
N GLN A 307 -31.18 20.57 -1.26
CA GLN A 307 -30.19 20.91 -2.27
C GLN A 307 -29.60 19.64 -2.87
N LEU A 308 -29.46 19.64 -4.20
CA LEU A 308 -28.92 18.48 -4.89
C LEU A 308 -27.47 18.26 -4.50
N ASP A 309 -27.10 16.99 -4.30
CA ASP A 309 -25.76 16.64 -3.90
C ASP A 309 -24.78 16.91 -5.04
N PRO A 310 -23.48 17.07 -4.72
CA PRO A 310 -22.49 17.25 -5.80
C PRO A 310 -22.41 16.07 -6.75
N GLU A 311 -22.88 14.89 -6.35
CA GLU A 311 -22.96 13.74 -7.23
C GLU A 311 -24.26 13.70 -8.02
N ASP A 312 -25.16 14.67 -7.82
CA ASP A 312 -26.46 14.68 -8.49
C ASP A 312 -26.44 15.45 -9.81
N GLN A 313 -25.35 16.15 -10.13
CA GLN A 313 -25.30 16.90 -11.38
C GLN A 313 -25.22 15.94 -12.57
N ASP A 314 -26.01 16.25 -13.61
CA ASP A 314 -26.07 15.36 -14.77
C ASP A 314 -24.79 15.43 -15.59
N SER A 315 -24.20 16.63 -15.70
CA SER A 315 -23.03 16.80 -16.57
C SER A 315 -21.76 16.30 -15.90
N GLU A 316 -21.36 16.95 -14.80
CA GLU A 316 -20.17 16.58 -14.03
C GLU A 316 -18.94 16.42 -14.92
N GLU A 317 -18.74 17.39 -15.81
CA GLU A 317 -17.62 17.38 -16.74
C GLU A 317 -16.35 17.98 -16.15
N GLU A 318 -16.35 18.32 -14.86
CA GLU A 318 -15.18 18.90 -14.22
C GLU A 318 -14.31 17.81 -13.60
N GLU A 319 -13.04 18.16 -13.35
CA GLU A 319 -12.07 17.29 -12.70
C GLU A 319 -11.92 15.96 -13.45
N LEU A 320 -11.42 16.09 -14.68
CA LEU A 320 -11.30 14.94 -15.57
C LEU A 320 -10.33 13.90 -15.03
N GLU A 321 -9.25 14.33 -14.39
CA GLU A 321 -8.16 13.42 -14.03
C GLU A 321 -8.56 12.44 -12.93
N ILE A 322 -8.81 12.94 -11.71
CA ILE A 322 -9.19 12.09 -10.59
C ILE A 322 -9.72 12.99 -9.48
N GLU A 323 -10.66 12.48 -8.68
CA GLU A 323 -11.29 13.30 -7.65
C GLU A 323 -11.04 12.79 -6.24
N LEU A 324 -11.48 11.57 -5.91
CA LEU A 324 -11.29 10.97 -4.58
C LEU A 324 -11.52 11.96 -3.44
N MET A 325 -12.68 12.61 -3.45
CA MET A 325 -13.13 13.39 -2.29
C MET A 325 -13.95 12.51 -1.35
N GLY A 326 -13.85 12.81 -0.04
CA GLY A 326 -14.61 12.09 0.95
C GLY A 326 -15.10 12.95 2.10
N GLU A 327 -15.17 14.26 1.90
CA GLU A 327 -15.55 15.17 2.98
C GLU A 327 -17.02 15.08 3.34
N THR A 328 -17.86 14.57 2.45
CA THR A 328 -19.30 14.51 2.74
C THR A 328 -19.55 13.47 3.84
N PRO A 329 -20.62 13.66 4.62
CA PRO A 329 -20.86 12.74 5.76
C PRO A 329 -21.00 11.29 5.35
N LYS A 330 -21.62 11.01 4.20
CA LYS A 330 -21.92 9.63 3.82
C LYS A 330 -20.64 8.82 3.65
N HIS A 331 -19.62 9.40 3.01
CA HIS A 331 -18.38 8.66 2.79
C HIS A 331 -17.69 8.30 4.10
N PHE A 332 -17.20 9.29 4.86
CA PHE A 332 -16.47 8.90 6.07
C PHE A 332 -17.37 8.13 7.03
N ALA A 333 -18.69 8.30 6.94
CA ALA A 333 -19.59 7.44 7.70
C ALA A 333 -19.45 5.98 7.27
N VAL A 334 -19.40 5.73 5.96
CA VAL A 334 -19.33 4.33 5.52
C VAL A 334 -17.95 3.74 5.83
N GLN A 335 -16.87 4.54 5.72
CA GLN A 335 -15.59 3.99 6.18
C GLN A 335 -15.57 3.76 7.69
N VAL A 336 -16.23 4.61 8.49
CA VAL A 336 -16.28 4.38 9.92
C VAL A 336 -16.99 3.07 10.23
N VAL A 337 -18.16 2.87 9.62
CA VAL A 337 -18.88 1.63 9.91
C VAL A 337 -18.14 0.42 9.34
N ASP A 338 -17.41 0.59 8.23
CA ASP A 338 -16.65 -0.51 7.67
C ASP A 338 -15.49 -0.91 8.58
N MET A 339 -14.80 0.07 9.17
CA MET A 339 -13.73 -0.27 10.10
C MET A 339 -14.32 -0.86 11.39
N LEU A 340 -15.52 -0.41 11.78
CA LEU A 340 -16.22 -1.07 12.87
C LEU A 340 -16.43 -2.55 12.57
N ALA A 341 -16.86 -2.86 11.34
CA ALA A 341 -17.10 -4.25 10.97
C ALA A 341 -15.81 -5.05 10.94
N LEU A 342 -14.77 -4.51 10.31
CA LEU A 342 -13.56 -5.30 10.08
C LEU A 342 -12.70 -5.43 11.34
N HIS A 343 -12.72 -4.42 12.21
CA HIS A 343 -11.86 -4.44 13.39
C HIS A 343 -12.19 -5.60 14.32
N LEU A 344 -13.48 -5.84 14.53
CA LEU A 344 -13.88 -6.92 15.42
C LEU A 344 -13.86 -8.26 14.69
N PRO A 345 -13.69 -9.36 15.42
CA PRO A 345 -13.82 -10.66 14.79
C PRO A 345 -15.23 -10.90 14.32
N PRO A 346 -15.42 -11.72 13.28
CA PRO A 346 -16.78 -11.96 12.78
C PRO A 346 -17.75 -12.46 13.84
N GLU A 347 -17.43 -13.58 14.49
CA GLU A 347 -18.28 -14.15 15.54
C GLU A 347 -19.70 -14.35 15.06
N LYS A 348 -20.64 -13.62 15.66
CA LYS A 348 -22.06 -13.69 15.29
C LYS A 348 -22.67 -12.30 15.13
N LEU A 349 -21.82 -11.26 15.02
CA LEU A 349 -22.35 -9.91 14.93
C LEU A 349 -23.11 -9.68 13.62
N CYS A 350 -22.65 -10.28 12.52
CA CYS A 350 -23.39 -10.17 11.27
C CYS A 350 -24.77 -10.83 11.35
N PRO A 351 -24.92 -12.06 11.86
CA PRO A 351 -26.28 -12.56 12.11
C PRO A 351 -27.06 -11.69 13.10
N GLN A 352 -26.36 -11.05 14.04
CA GLN A 352 -27.05 -10.15 14.98
C GLN A 352 -27.62 -8.94 14.26
N LEU A 353 -26.92 -8.43 13.24
CA LEU A 353 -27.38 -7.26 12.52
C LEU A 353 -28.22 -7.59 11.30
N MET A 354 -28.36 -8.87 10.94
CA MET A 354 -29.31 -9.25 9.90
C MET A 354 -30.72 -8.74 10.15
N PRO A 355 -31.32 -8.89 11.34
CA PRO A 355 -32.68 -8.35 11.52
C PRO A 355 -32.75 -6.87 11.22
N MET A 356 -31.68 -6.12 11.48
CA MET A 356 -31.61 -4.76 10.95
C MET A 356 -31.32 -4.74 9.46
N LEU A 357 -30.75 -5.82 8.91
CA LEU A 357 -30.45 -5.83 7.49
C LEU A 357 -31.72 -5.84 6.64
N GLU A 358 -32.67 -6.74 6.93
CA GLU A 358 -33.89 -6.71 6.11
C GLU A 358 -34.68 -5.43 6.35
N GLU A 359 -34.54 -4.83 7.53
CA GLU A 359 -35.10 -3.50 7.75
C GLU A 359 -34.46 -2.49 6.83
N ALA A 360 -33.15 -2.57 6.63
CA ALA A 360 -32.47 -1.71 5.68
C ALA A 360 -32.89 -2.02 4.24
N LEU A 361 -33.33 -3.24 3.98
CA LEU A 361 -33.64 -3.65 2.62
C LEU A 361 -34.91 -3.02 2.05
N ARG A 362 -35.73 -2.37 2.86
CA ARG A 362 -36.90 -1.69 2.30
C ARG A 362 -36.42 -0.52 1.46
N SER A 363 -36.54 -0.67 0.13
CA SER A 363 -35.99 0.30 -0.82
C SER A 363 -37.10 0.73 -1.77
N GLU A 364 -37.86 1.74 -1.36
CA GLU A 364 -38.82 2.41 -2.21
C GLU A 364 -38.40 3.85 -2.51
N SER A 365 -38.15 4.64 -1.47
CA SER A 365 -37.51 5.93 -1.66
C SER A 365 -36.06 5.73 -2.10
N PRO A 366 -35.57 6.56 -3.02
CA PRO A 366 -34.17 6.39 -3.47
C PRO A 366 -33.16 6.52 -2.35
N TYR A 367 -33.43 7.37 -1.35
CA TYR A 367 -32.51 7.52 -0.23
C TYR A 367 -32.39 6.20 0.54
N GLN A 368 -33.50 5.49 0.72
CA GLN A 368 -33.43 4.14 1.26
C GLN A 368 -32.58 3.23 0.39
N ARG A 369 -32.58 3.46 -0.92
CA ARG A 369 -31.76 2.64 -1.81
C ARG A 369 -30.27 2.91 -1.61
N LYS A 370 -29.88 4.18 -1.47
CA LYS A 370 -28.49 4.45 -1.11
C LYS A 370 -28.15 3.88 0.26
N ALA A 371 -29.10 3.92 1.20
CA ALA A 371 -28.86 3.33 2.50
C ALA A 371 -28.59 1.83 2.39
N GLY A 372 -29.37 1.14 1.57
CA GLY A 372 -29.14 -0.28 1.35
C GLY A 372 -27.80 -0.54 0.70
N LEU A 373 -27.45 0.22 -0.33
CA LEU A 373 -26.16 0.02 -0.97
C LEU A 373 -25.01 0.29 -0.01
N LEU A 374 -25.19 1.24 0.91
CA LEU A 374 -24.14 1.47 1.90
C LEU A 374 -24.06 0.35 2.93
N VAL A 375 -25.19 -0.28 3.28
CA VAL A 375 -25.10 -1.40 4.21
C VAL A 375 -24.45 -2.60 3.55
N LEU A 376 -24.68 -2.79 2.24
CA LEU A 376 -23.85 -3.77 1.51
C LEU A 376 -22.38 -3.37 1.52
N ALA A 377 -22.09 -2.07 1.35
CA ALA A 377 -20.71 -1.62 1.33
C ALA A 377 -20.00 -1.94 2.64
N VAL A 378 -20.66 -1.68 3.77
CA VAL A 378 -20.04 -1.98 5.07
C VAL A 378 -19.95 -3.47 5.30
N LEU A 379 -21.01 -4.22 4.94
CA LEU A 379 -20.96 -5.67 5.13
C LEU A 379 -19.87 -6.31 4.28
N SER A 380 -19.63 -5.77 3.09
CA SER A 380 -18.54 -6.23 2.25
C SER A 380 -17.20 -6.04 2.96
N ASP A 381 -16.56 -7.15 3.33
CA ASP A 381 -15.33 -7.10 4.11
C ASP A 381 -14.32 -8.07 3.51
N GLY A 382 -13.10 -8.04 4.04
CA GLY A 382 -12.09 -8.98 3.59
C GLY A 382 -12.44 -10.41 3.92
N ALA A 383 -12.98 -10.64 5.12
CA ALA A 383 -13.40 -11.97 5.54
C ALA A 383 -14.89 -12.14 5.28
N GLY A 384 -15.24 -13.19 4.53
CA GLY A 384 -16.62 -13.47 4.23
C GLY A 384 -17.07 -14.81 4.77
N ASP A 385 -16.43 -15.25 5.86
CA ASP A 385 -16.74 -16.56 6.43
C ASP A 385 -18.21 -16.69 6.80
N HIS A 386 -18.81 -15.59 7.28
CA HIS A 386 -20.24 -15.62 7.59
C HIS A 386 -21.07 -15.86 6.33
N ILE A 387 -20.74 -15.17 5.23
CA ILE A 387 -21.49 -15.34 3.99
C ILE A 387 -21.06 -16.58 3.22
N ARG A 388 -19.94 -17.21 3.60
CA ARG A 388 -19.51 -18.43 2.94
C ARG A 388 -20.48 -19.58 3.20
N GLN A 389 -21.09 -19.63 4.38
CA GLN A 389 -21.93 -20.75 4.76
C GLN A 389 -23.43 -20.45 4.70
N ARG A 390 -23.82 -19.18 4.80
CA ARG A 390 -25.23 -18.81 4.69
C ARG A 390 -25.40 -17.82 3.55
N LEU A 391 -26.34 -18.12 2.66
CA LEU A 391 -26.72 -17.24 1.55
C LEU A 391 -25.49 -16.73 0.79
N LEU A 392 -24.75 -17.69 0.22
CA LEU A 392 -23.61 -17.33 -0.63
C LEU A 392 -24.00 -16.38 -1.75
N PRO A 393 -25.09 -16.57 -2.48
CA PRO A 393 -25.68 -15.46 -3.22
C PRO A 393 -26.73 -14.75 -2.39
N PRO A 394 -26.32 -13.88 -1.46
CA PRO A 394 -27.29 -13.34 -0.49
C PRO A 394 -28.35 -12.47 -1.12
N LEU A 395 -27.94 -11.53 -1.98
CA LEU A 395 -28.88 -10.69 -2.73
C LEU A 395 -28.40 -10.63 -4.18
N LEU A 396 -28.87 -11.60 -4.97
CA LEU A 396 -28.51 -11.67 -6.37
C LEU A 396 -29.46 -10.92 -7.28
N GLN A 397 -30.65 -10.56 -6.79
CA GLN A 397 -31.62 -9.80 -7.56
C GLN A 397 -31.84 -8.39 -7.03
N ILE A 398 -31.54 -8.14 -5.74
CA ILE A 398 -31.57 -6.78 -5.24
C ILE A 398 -30.51 -5.93 -5.93
N VAL A 399 -29.33 -6.51 -6.17
CA VAL A 399 -28.34 -5.84 -6.99
C VAL A 399 -28.87 -5.63 -8.40
N CYS A 400 -29.73 -6.55 -8.87
CA CYS A 400 -30.37 -6.37 -10.17
C CYS A 400 -31.51 -5.36 -10.11
N LYS A 401 -32.23 -5.31 -8.99
CA LYS A 401 -33.33 -4.36 -8.87
C LYS A 401 -32.79 -2.93 -8.75
N GLY A 402 -31.56 -2.79 -8.23
CA GLY A 402 -30.93 -1.49 -8.19
C GLY A 402 -30.56 -0.92 -9.55
N LEU A 403 -30.47 -1.79 -10.58
CA LEU A 403 -30.18 -1.30 -11.92
C LEU A 403 -31.31 -0.42 -12.45
N GLU A 404 -32.56 -0.83 -12.18
CA GLU A 404 -33.72 -0.05 -12.59
C GLU A 404 -33.95 1.04 -11.53
N ASP A 405 -33.22 2.14 -11.69
CA ASP A 405 -33.27 3.26 -10.76
C ASP A 405 -33.28 4.55 -11.55
N PRO A 406 -34.37 5.35 -11.48
CA PRO A 406 -34.36 6.65 -12.17
C PRO A 406 -33.28 7.59 -11.66
N SER A 407 -32.95 7.53 -10.37
CA SER A 407 -31.95 8.43 -9.81
C SER A 407 -30.54 8.11 -10.31
N GLN A 408 -30.33 6.91 -10.86
CA GLN A 408 -29.13 6.45 -11.56
C GLN A 408 -27.88 6.54 -10.70
N VAL A 409 -28.02 6.93 -9.43
CA VAL A 409 -26.88 6.89 -8.53
C VAL A 409 -26.86 5.55 -7.78
N VAL A 410 -28.02 4.92 -7.62
CA VAL A 410 -28.07 3.57 -7.07
C VAL A 410 -27.35 2.59 -7.99
N ARG A 411 -27.43 2.81 -9.30
CA ARG A 411 -26.67 1.98 -10.24
C ARG A 411 -25.17 2.11 -9.99
N ASN A 412 -24.68 3.34 -9.79
CA ASN A 412 -23.26 3.52 -9.51
C ASN A 412 -22.87 2.89 -8.18
N ALA A 413 -23.74 3.01 -7.17
CA ALA A 413 -23.45 2.40 -5.87
C ALA A 413 -23.40 0.89 -5.98
N ALA A 414 -24.32 0.29 -6.73
CA ALA A 414 -24.29 -1.16 -6.96
C ALA A 414 -23.04 -1.57 -7.74
N LEU A 415 -22.63 -0.77 -8.72
CA LEU A 415 -21.39 -1.03 -9.44
C LEU A 415 -20.20 -1.03 -8.49
N PHE A 416 -20.13 -0.04 -7.61
CA PHE A 416 -19.05 0.01 -6.62
C PHE A 416 -19.09 -1.21 -5.71
N ALA A 417 -20.28 -1.58 -5.24
CA ALA A 417 -20.43 -2.71 -4.34
C ALA A 417 -19.96 -4.00 -5.01
N LEU A 418 -20.36 -4.21 -6.26
CA LEU A 418 -19.83 -5.33 -7.03
C LEU A 418 -18.32 -5.25 -7.15
N GLY A 419 -17.78 -4.04 -7.24
CA GLY A 419 -16.34 -3.87 -7.19
C GLY A 419 -15.72 -4.48 -5.96
N GLN A 420 -16.08 -3.97 -4.78
CA GLN A 420 -15.42 -4.53 -3.61
C GLN A 420 -15.80 -5.99 -3.36
N PHE A 421 -16.92 -6.47 -3.90
CA PHE A 421 -17.14 -7.92 -3.92
C PHE A 421 -16.07 -8.61 -4.75
N SER A 422 -15.71 -8.03 -5.89
CA SER A 422 -14.74 -8.66 -6.79
C SER A 422 -13.35 -8.71 -6.15
N GLU A 423 -12.87 -7.57 -5.65
CA GLU A 423 -11.54 -7.55 -5.02
C GLU A 423 -11.59 -7.57 -3.49
N ASN A 424 -12.60 -8.20 -2.90
CA ASN A 424 -12.47 -8.58 -1.50
C ASN A 424 -12.89 -10.02 -1.23
N LEU A 425 -13.82 -10.56 -2.01
CA LEU A 425 -14.31 -11.93 -1.81
C LEU A 425 -13.76 -12.80 -2.95
N GLN A 426 -12.55 -13.31 -2.76
CA GLN A 426 -11.91 -14.13 -3.79
C GLN A 426 -12.68 -15.42 -4.08
N PRO A 427 -13.04 -16.25 -3.08
CA PRO A 427 -13.78 -17.49 -3.43
C PRO A 427 -15.13 -17.23 -4.05
N HIS A 428 -15.76 -16.10 -3.75
CA HIS A 428 -17.11 -15.82 -4.23
C HIS A 428 -17.14 -15.31 -5.66
N ILE A 429 -15.99 -15.04 -6.28
CA ILE A 429 -15.97 -14.73 -7.69
C ILE A 429 -16.41 -15.93 -8.52
N SER A 430 -16.26 -17.14 -7.98
CA SER A 430 -16.79 -18.35 -8.59
C SER A 430 -18.09 -18.70 -7.89
N SER A 431 -19.16 -18.05 -8.32
CA SER A 431 -20.48 -18.20 -7.70
C SER A 431 -21.54 -18.05 -8.78
N TYR A 432 -22.78 -17.81 -8.36
CA TYR A 432 -23.89 -17.70 -9.30
C TYR A 432 -23.83 -16.39 -10.07
N SER A 433 -22.79 -16.22 -10.88
CA SER A 433 -22.65 -15.08 -11.77
C SER A 433 -22.98 -15.43 -13.21
N ARG A 434 -23.63 -16.57 -13.45
CA ARG A 434 -23.86 -17.06 -14.80
C ARG A 434 -24.82 -16.18 -15.59
N GLU A 435 -25.65 -15.40 -14.92
CA GLU A 435 -26.65 -14.59 -15.59
C GLU A 435 -26.57 -13.10 -15.28
N VAL A 436 -26.02 -12.72 -14.12
CA VAL A 436 -25.97 -11.31 -13.76
C VAL A 436 -24.98 -10.55 -14.63
N MET A 437 -23.84 -11.17 -14.95
CA MET A 437 -22.82 -10.49 -15.73
C MET A 437 -23.30 -10.03 -17.09
N PRO A 438 -23.95 -10.86 -17.92
CA PRO A 438 -24.39 -10.37 -19.24
C PRO A 438 -25.38 -9.23 -19.17
N LEU A 439 -26.33 -9.27 -18.23
CA LEU A 439 -27.31 -8.18 -18.14
C LEU A 439 -26.65 -6.90 -17.64
N LEU A 440 -25.70 -7.01 -16.71
CA LEU A 440 -24.94 -5.85 -16.28
C LEU A 440 -24.21 -5.22 -17.45
N LEU A 441 -23.50 -6.04 -18.23
CA LEU A 441 -22.80 -5.53 -19.41
C LEU A 441 -23.76 -4.87 -20.38
N ALA A 442 -24.92 -5.51 -20.60
CA ALA A 442 -25.89 -4.98 -21.55
C ALA A 442 -26.40 -3.61 -21.13
N TYR A 443 -26.82 -3.46 -19.87
CA TYR A 443 -27.39 -2.18 -19.49
C TYR A 443 -26.32 -1.11 -19.35
N LEU A 444 -25.09 -1.48 -18.99
CA LEU A 444 -24.01 -0.51 -18.96
C LEU A 444 -23.68 -0.01 -20.37
N LYS A 445 -23.67 -0.90 -21.35
CA LYS A 445 -23.42 -0.48 -22.72
C LYS A 445 -24.66 0.11 -23.39
N SER A 446 -25.81 0.05 -22.75
CA SER A 446 -27.04 0.63 -23.28
C SER A 446 -27.16 2.13 -22.99
N VAL A 447 -26.20 2.71 -22.27
CA VAL A 447 -26.25 4.13 -21.92
C VAL A 447 -24.96 4.79 -22.36
N PRO A 448 -24.73 5.03 -23.67
CA PRO A 448 -23.54 5.74 -24.14
C PRO A 448 -23.73 7.24 -24.20
N LEU A 449 -24.15 7.84 -23.08
CA LEU A 449 -24.41 9.28 -23.04
C LEU A 449 -23.14 10.11 -23.03
N GLY A 450 -21.97 9.51 -22.88
CA GLY A 450 -20.72 10.24 -22.82
C GLY A 450 -20.18 10.45 -21.43
N HIS A 451 -20.89 10.01 -20.39
CA HIS A 451 -20.39 10.12 -19.03
C HIS A 451 -19.29 9.08 -18.78
N THR A 452 -18.05 9.44 -19.10
CA THR A 452 -16.94 8.50 -19.01
C THR A 452 -16.65 8.07 -17.58
N HIS A 453 -17.18 8.77 -16.58
CA HIS A 453 -16.96 8.37 -15.19
C HIS A 453 -17.61 7.02 -14.91
N HIS A 454 -18.87 6.87 -15.28
CA HIS A 454 -19.56 5.60 -15.06
C HIS A 454 -18.93 4.47 -15.87
N LEU A 455 -18.53 4.77 -17.11
CA LEU A 455 -17.87 3.74 -17.93
C LEU A 455 -16.54 3.33 -17.31
N ALA A 456 -15.77 4.29 -16.79
CA ALA A 456 -14.49 3.97 -16.19
C ALA A 456 -14.65 3.14 -14.93
N LYS A 457 -15.62 3.50 -14.07
CA LYS A 457 -15.83 2.71 -12.87
C LYS A 457 -16.36 1.32 -13.22
N ALA A 458 -17.18 1.21 -14.27
CA ALA A 458 -17.63 -0.10 -14.72
C ALA A 458 -16.47 -0.95 -15.20
N CYS A 459 -15.57 -0.35 -15.97
CA CYS A 459 -14.40 -1.09 -16.46
C CYS A 459 -13.52 -1.54 -15.30
N TYR A 460 -13.35 -0.67 -14.30
CA TYR A 460 -12.53 -1.05 -13.15
C TYR A 460 -13.19 -2.17 -12.34
N ALA A 461 -14.50 -2.06 -12.10
CA ALA A 461 -15.19 -3.04 -11.26
C ALA A 461 -15.46 -4.35 -11.99
N LEU A 462 -15.70 -4.30 -13.30
CA LEU A 462 -16.01 -5.48 -14.07
C LEU A 462 -14.78 -5.93 -14.85
N GLU A 463 -14.91 -7.08 -15.52
CA GLU A 463 -13.85 -7.76 -16.26
C GLU A 463 -12.53 -7.74 -15.48
N ASN A 464 -12.61 -7.89 -14.17
CA ASN A 464 -11.42 -7.94 -13.31
C ASN A 464 -11.28 -9.28 -12.59
N PHE A 465 -12.34 -9.77 -11.95
CA PHE A 465 -12.26 -11.06 -11.28
C PHE A 465 -12.35 -12.23 -12.26
N VAL A 466 -12.96 -12.03 -13.42
CA VAL A 466 -13.10 -13.12 -14.37
C VAL A 466 -11.75 -13.57 -14.93
N GLU A 467 -10.75 -12.70 -14.87
CA GLU A 467 -9.41 -13.07 -15.33
C GLU A 467 -8.80 -14.16 -14.47
N ASN A 468 -9.16 -14.20 -13.18
CA ASN A 468 -8.74 -15.29 -12.32
C ASN A 468 -9.34 -16.62 -12.75
N LEU A 469 -10.46 -16.59 -13.47
CA LEU A 469 -11.13 -17.79 -13.95
C LEU A 469 -10.67 -18.06 -15.37
N GLY A 470 -9.85 -19.09 -15.56
CA GLY A 470 -9.34 -19.42 -16.87
C GLY A 470 -10.28 -20.32 -17.65
N PRO A 471 -10.54 -21.53 -17.13
CA PRO A 471 -11.48 -22.43 -17.83
C PRO A 471 -12.89 -21.89 -17.95
N LYS A 472 -13.32 -21.03 -17.03
CA LYS A 472 -14.72 -20.64 -16.96
C LYS A 472 -15.12 -19.58 -17.98
N VAL A 473 -14.15 -18.86 -18.55
CA VAL A 473 -14.49 -17.73 -19.40
C VAL A 473 -14.72 -18.11 -20.86
N GLN A 474 -14.32 -19.31 -21.29
CA GLN A 474 -14.56 -19.71 -22.67
C GLN A 474 -16.04 -19.72 -23.05
N PRO A 475 -16.95 -20.29 -22.26
CA PRO A 475 -18.38 -20.19 -22.64
C PRO A 475 -18.87 -18.76 -22.74
N TYR A 476 -18.17 -17.82 -22.13
CA TYR A 476 -18.54 -16.41 -22.17
C TYR A 476 -17.88 -15.65 -23.31
N LEU A 477 -17.12 -16.31 -24.19
CA LEU A 477 -16.36 -15.58 -25.20
C LEU A 477 -17.22 -14.69 -26.09
N PRO A 478 -18.31 -15.18 -26.74
CA PRO A 478 -18.96 -14.35 -27.76
C PRO A 478 -19.54 -13.04 -27.22
N GLU A 479 -20.45 -13.14 -26.25
CA GLU A 479 -21.28 -12.00 -25.88
C GLU A 479 -20.44 -10.78 -25.52
N LEU A 480 -19.32 -11.00 -24.82
CA LEU A 480 -18.55 -9.88 -24.30
C LEU A 480 -18.14 -8.92 -25.42
N MET A 481 -17.89 -9.43 -26.63
CA MET A 481 -17.50 -8.50 -27.70
C MET A 481 -18.58 -7.47 -27.95
N GLU A 482 -19.83 -7.90 -28.13
CA GLU A 482 -20.86 -6.92 -28.48
C GLU A 482 -21.11 -5.99 -27.30
N CYS A 483 -20.34 -6.15 -26.22
CA CYS A 483 -20.29 -5.12 -25.18
C CYS A 483 -19.39 -3.96 -25.60
N MET A 484 -18.09 -4.21 -25.74
CA MET A 484 -17.19 -3.09 -25.99
C MET A 484 -17.25 -2.62 -27.44
N LEU A 485 -17.68 -3.48 -28.35
CA LEU A 485 -17.97 -3.02 -29.72
C LEU A 485 -19.08 -1.97 -29.73
N GLN A 486 -19.86 -1.88 -28.63
CA GLN A 486 -20.81 -0.79 -28.52
C GLN A 486 -20.13 0.57 -28.57
N LEU A 487 -18.90 0.67 -28.06
CA LEU A 487 -18.14 1.90 -28.08
C LEU A 487 -16.77 1.76 -28.75
N LEU A 488 -16.37 0.56 -29.14
CA LEU A 488 -15.07 0.38 -29.77
C LEU A 488 -15.04 1.05 -31.13
N ARG A 489 -13.88 1.63 -31.47
CA ARG A 489 -13.63 2.31 -32.75
C ARG A 489 -14.79 3.20 -33.19
N ASN A 490 -15.42 3.87 -32.23
CA ASN A 490 -16.49 4.81 -32.52
C ASN A 490 -16.09 6.22 -32.12
N PRO A 491 -16.58 7.24 -32.82
CA PRO A 491 -16.20 8.63 -32.47
C PRO A 491 -16.64 8.98 -31.06
N SER A 492 -15.66 9.22 -30.20
CA SER A 492 -15.91 9.54 -28.79
C SER A 492 -14.64 10.14 -28.20
N SER A 493 -14.67 10.36 -26.89
CA SER A 493 -13.54 10.94 -26.19
C SER A 493 -12.40 9.93 -26.12
N PRO A 494 -11.15 10.40 -25.99
CA PRO A 494 -10.03 9.47 -25.80
C PRO A 494 -10.15 8.63 -24.55
N ARG A 495 -10.90 9.08 -23.54
CA ARG A 495 -11.17 8.25 -22.38
C ARG A 495 -11.94 6.99 -22.79
N ALA A 496 -12.91 7.14 -23.69
CA ALA A 496 -13.62 5.96 -24.19
C ALA A 496 -12.66 5.00 -24.88
N LYS A 497 -11.73 5.53 -25.68
CA LYS A 497 -10.78 4.67 -26.38
C LYS A 497 -9.88 3.92 -25.39
N GLU A 498 -9.35 4.63 -24.40
CA GLU A 498 -8.47 3.97 -23.44
C GLU A 498 -9.22 2.95 -22.61
N LEU A 499 -10.47 3.25 -22.23
CA LEU A 499 -11.29 2.28 -21.52
C LEU A 499 -11.53 1.04 -22.37
N ALA A 500 -11.87 1.23 -23.65
CA ALA A 500 -12.14 0.10 -24.52
C ALA A 500 -10.89 -0.78 -24.70
N VAL A 501 -9.73 -0.16 -24.92
CA VAL A 501 -8.52 -0.93 -25.13
C VAL A 501 -8.07 -1.62 -23.83
N SER A 502 -8.26 -0.96 -22.67
CA SER A 502 -7.95 -1.61 -21.41
C SER A 502 -8.85 -2.82 -21.17
N ALA A 503 -10.14 -2.69 -21.48
CA ALA A 503 -11.04 -3.83 -21.38
C ALA A 503 -10.64 -4.94 -22.35
N LEU A 504 -10.22 -4.56 -23.56
CA LEU A 504 -9.74 -5.55 -24.51
C LEU A 504 -8.56 -6.32 -23.94
N GLY A 505 -7.63 -5.62 -23.32
CA GLY A 505 -6.54 -6.29 -22.64
C GLY A 505 -7.00 -7.18 -21.49
N ALA A 506 -8.03 -6.76 -20.77
CA ALA A 506 -8.55 -7.56 -19.67
C ALA A 506 -9.09 -8.89 -20.17
N ILE A 507 -9.97 -8.86 -21.16
CA ILE A 507 -10.46 -10.12 -21.73
C ILE A 507 -9.33 -10.89 -22.43
N ALA A 508 -8.33 -10.20 -22.96
CA ALA A 508 -7.18 -10.91 -23.52
C ALA A 508 -6.48 -11.74 -22.45
N THR A 509 -6.24 -11.13 -21.29
CA THR A 509 -5.67 -11.87 -20.17
C THR A 509 -6.57 -13.02 -19.75
N ALA A 510 -7.88 -12.77 -19.69
CA ALA A 510 -8.81 -13.80 -19.25
C ALA A 510 -8.85 -14.98 -20.22
N ALA A 511 -8.70 -14.73 -21.51
CA ALA A 511 -8.88 -15.75 -22.54
C ALA A 511 -7.58 -16.37 -23.04
N GLN A 512 -6.43 -15.82 -22.65
CA GLN A 512 -5.13 -16.32 -23.10
C GLN A 512 -5.13 -16.72 -24.58
N ALA A 513 -5.08 -18.02 -24.89
CA ALA A 513 -5.04 -18.49 -26.26
C ALA A 513 -6.41 -18.91 -26.80
N SER A 514 -7.48 -18.69 -26.04
CA SER A 514 -8.83 -19.05 -26.48
C SER A 514 -9.50 -17.94 -27.28
N LEU A 515 -8.75 -16.91 -27.65
CA LEU A 515 -9.24 -15.79 -28.45
C LEU A 515 -9.39 -16.13 -29.93
N LEU A 516 -8.99 -17.33 -30.36
CA LEU A 516 -8.99 -17.67 -31.77
C LEU A 516 -10.34 -17.53 -32.48
N PRO A 517 -11.48 -17.97 -31.91
CA PRO A 517 -12.71 -18.02 -32.72
C PRO A 517 -13.14 -16.69 -33.32
N TYR A 518 -12.91 -15.56 -32.64
CA TYR A 518 -13.38 -14.28 -33.13
C TYR A 518 -12.23 -13.31 -33.41
N PHE A 519 -10.99 -13.76 -33.22
CA PHE A 519 -9.82 -12.91 -33.38
C PHE A 519 -9.68 -12.21 -34.74
N PRO A 520 -10.03 -12.82 -35.88
CA PRO A 520 -9.96 -12.07 -37.15
C PRO A 520 -10.75 -10.78 -37.14
N ALA A 521 -11.82 -10.69 -36.34
CA ALA A 521 -12.52 -9.42 -36.18
C ALA A 521 -11.74 -8.43 -35.32
N ILE A 522 -10.80 -8.92 -34.50
CA ILE A 522 -9.90 -8.03 -33.77
C ILE A 522 -8.69 -7.65 -34.60
N MET A 523 -8.41 -8.38 -35.68
CA MET A 523 -7.34 -7.98 -36.59
C MET A 523 -7.52 -6.57 -37.12
N GLU A 524 -8.73 -6.25 -37.57
CA GLU A 524 -8.98 -4.91 -38.13
C GLU A 524 -8.84 -3.83 -37.06
N HIS A 525 -9.35 -4.09 -35.85
CA HIS A 525 -9.19 -3.12 -34.76
C HIS A 525 -7.72 -2.92 -34.43
N LEU A 526 -6.95 -4.00 -34.39
CA LEU A 526 -5.52 -3.90 -34.09
C LEU A 526 -4.81 -3.09 -35.16
N ARG A 527 -5.14 -3.33 -36.43
CA ARG A 527 -4.52 -2.57 -37.52
C ARG A 527 -4.89 -1.10 -37.44
N GLU A 528 -6.15 -0.80 -37.12
CA GLU A 528 -6.58 0.60 -37.02
C GLU A 528 -5.88 1.31 -35.87
N PHE A 529 -5.91 0.73 -34.67
CA PHE A 529 -5.39 1.42 -33.51
C PHE A 529 -3.86 1.46 -33.49
N LEU A 530 -3.20 0.42 -34.00
CA LEU A 530 -1.75 0.43 -34.07
C LEU A 530 -1.26 1.51 -35.05
N LEU A 531 -1.96 1.67 -36.17
CA LEU A 531 -1.63 2.70 -37.14
C LEU A 531 -2.28 4.04 -36.76
N THR A 532 -1.90 4.52 -35.58
CA THR A 532 -2.42 5.80 -35.07
C THR A 532 -1.29 6.67 -34.53
N GLY A 533 -1.66 7.76 -33.87
CA GLY A 533 -0.69 8.69 -33.33
C GLY A 533 -1.12 10.13 -33.52
N ARG A 534 -1.17 10.89 -32.44
CA ARG A 534 -1.62 12.28 -32.49
C ARG A 534 -1.03 13.02 -31.31
N GLU A 535 -1.10 14.36 -31.37
CA GLU A 535 -0.53 15.20 -30.33
C GLU A 535 -1.27 15.12 -29.01
N ASP A 536 -2.45 14.51 -28.97
CA ASP A 536 -3.23 14.42 -27.75
C ASP A 536 -3.63 13.00 -27.40
N LEU A 537 -3.10 11.99 -28.11
CA LEU A 537 -3.48 10.60 -27.91
C LEU A 537 -2.34 9.77 -27.33
N GLN A 538 -1.53 10.35 -26.45
CA GLN A 538 -0.43 9.60 -25.85
C GLN A 538 -0.91 8.46 -24.95
N PRO A 539 -1.79 8.68 -23.96
CA PRO A 539 -2.13 7.56 -23.05
C PRO A 539 -2.77 6.38 -23.73
N VAL A 540 -3.63 6.63 -24.73
CA VAL A 540 -4.27 5.51 -25.42
C VAL A 540 -3.24 4.70 -26.20
N GLN A 541 -2.29 5.38 -26.86
CA GLN A 541 -1.24 4.67 -27.57
C GLN A 541 -0.38 3.86 -26.62
N ILE A 542 -0.05 4.44 -25.46
CA ILE A 542 0.77 3.70 -24.49
C ILE A 542 0.04 2.47 -24.00
N GLN A 543 -1.24 2.61 -23.62
CA GLN A 543 -1.96 1.48 -23.07
C GLN A 543 -2.15 0.41 -24.13
N SER A 544 -2.42 0.82 -25.37
CA SER A 544 -2.44 -0.13 -26.47
C SER A 544 -1.10 -0.83 -26.63
N LEU A 545 -0.01 -0.11 -26.36
CA LEU A 545 1.32 -0.74 -26.44
C LEU A 545 1.45 -1.86 -25.43
N GLU A 546 1.13 -1.60 -24.15
CA GLU A 546 1.30 -2.71 -23.22
C GLU A 546 0.23 -3.80 -23.41
N THR A 547 -0.95 -3.47 -23.96
CA THR A 547 -1.90 -4.54 -24.20
C THR A 547 -1.49 -5.40 -25.39
N LEU A 548 -0.82 -4.83 -26.38
CA LEU A 548 -0.20 -5.64 -27.42
C LEU A 548 0.93 -6.49 -26.86
N GLY A 549 1.68 -5.96 -25.89
CA GLY A 549 2.65 -6.79 -25.19
C GLY A 549 2.00 -7.97 -24.49
N VAL A 550 0.86 -7.71 -23.83
CA VAL A 550 0.12 -8.79 -23.17
C VAL A 550 -0.38 -9.81 -24.20
N LEU A 551 -0.84 -9.33 -25.35
CA LEU A 551 -1.27 -10.23 -26.42
C LEU A 551 -0.11 -11.12 -26.87
N ALA A 552 1.07 -10.53 -27.06
CA ALA A 552 2.24 -11.31 -27.44
C ALA A 552 2.59 -12.34 -26.38
N ARG A 553 2.51 -11.96 -25.11
CA ARG A 553 2.81 -12.89 -24.03
C ARG A 553 1.80 -14.04 -23.99
N ALA A 554 0.52 -13.74 -24.18
CA ALA A 554 -0.52 -14.76 -24.02
C ALA A 554 -0.48 -15.78 -25.14
N VAL A 555 -0.38 -15.32 -26.38
CA VAL A 555 -0.41 -16.19 -27.55
C VAL A 555 0.88 -15.99 -28.34
N GLY A 556 1.53 -17.09 -28.70
CA GLY A 556 2.84 -17.05 -29.33
C GLY A 556 2.85 -17.49 -30.78
N GLU A 557 3.21 -18.76 -31.00
CA GLU A 557 3.40 -19.28 -32.35
C GLU A 557 2.26 -19.01 -33.32
N PRO A 558 0.98 -19.16 -32.96
CA PRO A 558 -0.08 -18.85 -33.93
C PRO A 558 -0.09 -17.41 -34.43
N MET A 559 0.74 -16.53 -33.87
CA MET A 559 0.76 -15.13 -34.23
C MET A 559 1.89 -14.78 -35.21
N ARG A 560 2.50 -15.78 -35.85
CA ARG A 560 3.56 -15.50 -36.82
C ARG A 560 3.11 -14.55 -37.93
N PRO A 561 1.95 -14.71 -38.55
CA PRO A 561 1.49 -13.66 -39.49
C PRO A 561 1.36 -12.30 -38.83
N LEU A 562 0.95 -12.25 -37.56
CA LEU A 562 0.93 -10.98 -36.83
C LEU A 562 2.32 -10.58 -36.37
N ALA A 563 3.19 -11.56 -36.12
CA ALA A 563 4.54 -11.27 -35.65
C ALA A 563 5.44 -10.76 -36.76
N GLU A 564 5.05 -10.95 -38.03
CA GLU A 564 5.88 -10.46 -39.13
C GLU A 564 5.98 -8.93 -39.10
N GLU A 565 4.88 -8.25 -38.82
CA GLU A 565 4.90 -6.79 -38.70
C GLU A 565 5.26 -6.40 -37.27
N CYS A 566 5.07 -5.12 -36.93
CA CYS A 566 5.33 -4.52 -35.63
C CYS A 566 6.82 -4.48 -35.30
N CYS A 567 7.70 -4.93 -36.21
CA CYS A 567 9.13 -4.89 -35.94
C CYS A 567 9.67 -3.47 -35.99
N GLN A 568 9.06 -2.59 -36.79
CA GLN A 568 9.51 -1.22 -36.92
C GLN A 568 8.40 -0.18 -36.79
N LEU A 569 7.15 -0.55 -37.06
CA LEU A 569 6.07 0.43 -37.01
C LEU A 569 5.90 1.01 -35.61
N GLY A 570 5.82 0.14 -34.60
CA GLY A 570 5.81 0.62 -33.23
C GLY A 570 7.13 1.25 -32.83
N LEU A 571 8.24 0.74 -33.36
CA LEU A 571 9.54 1.30 -33.06
C LEU A 571 9.67 2.73 -33.60
N GLY A 572 9.10 2.98 -34.78
CA GLY A 572 9.27 4.30 -35.40
C GLY A 572 8.65 5.42 -34.59
N LEU A 573 7.52 5.15 -33.94
CA LEU A 573 6.82 6.19 -33.19
C LEU A 573 7.43 6.41 -31.82
N CYS A 574 8.72 6.72 -31.76
CA CYS A 574 9.38 7.02 -30.49
C CYS A 574 10.19 8.31 -30.60
N ASP A 575 10.63 8.64 -31.81
CA ASP A 575 11.46 9.82 -32.02
C ASP A 575 10.67 11.12 -31.97
N GLN A 576 9.34 11.08 -32.12
CA GLN A 576 8.55 12.30 -32.10
C GLN A 576 8.61 12.97 -30.74
N VAL A 577 8.51 12.19 -29.67
CA VAL A 577 8.56 12.71 -28.30
C VAL A 577 9.50 11.84 -27.48
N ASP A 578 10.37 12.49 -26.70
CA ASP A 578 11.33 11.79 -25.85
C ASP A 578 10.86 11.88 -24.41
N ASP A 579 10.46 10.74 -23.85
CA ASP A 579 9.92 10.71 -22.49
C ASP A 579 9.98 9.28 -21.96
N PRO A 580 10.62 9.05 -20.80
CA PRO A 580 10.59 7.70 -20.21
C PRO A 580 9.18 7.19 -19.98
N ASP A 581 8.24 8.06 -19.63
CA ASP A 581 6.84 7.66 -19.56
C ASP A 581 6.36 7.14 -20.91
N LEU A 582 6.75 7.82 -21.99
CA LEU A 582 6.39 7.36 -23.33
C LEU A 582 7.09 6.06 -23.69
N ARG A 583 8.23 5.79 -23.06
CA ARG A 583 9.01 4.59 -23.35
C ARG A 583 8.67 3.41 -22.45
N ARG A 584 7.64 3.52 -21.62
CA ARG A 584 7.27 2.42 -20.74
C ARG A 584 6.74 1.25 -21.54
N CYS A 585 7.24 0.06 -21.21
CA CYS A 585 6.81 -1.23 -21.75
C CYS A 585 7.16 -1.40 -23.23
N THR A 586 7.70 -0.37 -23.89
CA THR A 586 8.09 -0.52 -25.28
C THR A 586 9.14 -1.61 -25.44
N TYR A 587 10.02 -1.74 -24.46
CA TYR A 587 11.07 -2.75 -24.52
C TYR A 587 10.50 -4.16 -24.40
N SER A 588 9.39 -4.32 -23.68
CA SER A 588 8.81 -5.64 -23.48
C SER A 588 8.30 -6.24 -24.78
N LEU A 589 7.64 -5.43 -25.62
CA LEU A 589 7.08 -5.95 -26.87
C LEU A 589 8.17 -6.43 -27.81
N PHE A 590 9.17 -5.58 -28.06
CA PHE A 590 10.24 -5.98 -28.96
C PHE A 590 11.11 -7.07 -28.36
N ALA A 591 11.20 -7.11 -27.03
CA ALA A 591 11.89 -8.20 -26.36
C ALA A 591 11.19 -9.53 -26.62
N ALA A 592 9.86 -9.55 -26.46
CA ALA A 592 9.10 -10.76 -26.75
C ALA A 592 9.18 -11.13 -28.23
N LEU A 593 9.20 -10.12 -29.10
CA LEU A 593 9.38 -10.39 -30.53
C LEU A 593 10.71 -11.07 -30.79
N SER A 594 11.78 -10.58 -30.15
CA SER A 594 13.09 -11.22 -30.28
C SER A 594 13.06 -12.65 -29.75
N GLY A 595 12.42 -12.86 -28.61
CA GLY A 595 12.32 -14.20 -28.06
C GLY A 595 11.58 -15.15 -28.97
N LEU A 596 10.55 -14.65 -29.65
CA LEU A 596 9.77 -15.50 -30.56
C LEU A 596 10.48 -15.74 -31.89
N MET A 597 11.24 -14.77 -32.38
CA MET A 597 11.85 -14.90 -33.71
C MET A 597 13.09 -15.77 -33.66
N GLY A 598 13.98 -15.53 -32.70
CA GLY A 598 15.28 -16.18 -32.70
C GLY A 598 16.33 -15.31 -33.36
N GLU A 599 16.60 -15.56 -34.64
CA GLU A 599 17.49 -14.72 -35.43
C GLU A 599 16.70 -13.74 -36.30
N GLY A 600 15.37 -13.71 -36.15
CA GLY A 600 14.55 -12.88 -37.03
C GLY A 600 14.72 -11.40 -36.82
N LEU A 601 15.17 -10.99 -35.63
CA LEU A 601 15.38 -9.57 -35.35
C LEU A 601 16.65 -9.03 -35.99
N ALA A 602 17.32 -9.81 -36.82
CA ALA A 602 18.60 -9.38 -37.40
C ALA A 602 18.54 -8.03 -38.10
N PRO A 603 17.52 -7.71 -38.94
CA PRO A 603 17.47 -6.37 -39.53
C PRO A 603 17.42 -5.27 -38.49
N HIS A 604 16.43 -5.33 -37.60
CA HIS A 604 16.29 -4.36 -36.52
C HIS A 604 16.91 -4.90 -35.23
N LEU A 605 18.22 -5.11 -35.28
CA LEU A 605 18.96 -5.67 -34.15
C LEU A 605 19.92 -4.68 -33.51
N GLU A 606 20.48 -3.75 -34.28
CA GLU A 606 21.46 -2.81 -33.77
C GLU A 606 20.82 -1.51 -33.29
N GLN A 607 19.89 -0.96 -34.06
CA GLN A 607 19.24 0.28 -33.65
C GLN A 607 18.44 0.07 -32.36
N ILE A 608 17.77 -1.07 -32.24
CA ILE A 608 17.04 -1.37 -31.00
C ILE A 608 18.01 -1.47 -29.84
N THR A 609 19.21 -2.00 -30.08
CA THR A 609 20.22 -2.08 -29.02
C THR A 609 20.65 -0.69 -28.58
N THR A 610 20.88 0.22 -29.54
CA THR A 610 21.26 1.57 -29.17
C THR A 610 20.15 2.27 -28.41
N LEU A 611 18.90 2.07 -28.84
CA LEU A 611 17.79 2.70 -28.15
C LEU A 611 17.62 2.13 -26.74
N MET A 612 17.91 0.84 -26.57
CA MET A 612 17.91 0.25 -25.23
C MET A 612 19.04 0.81 -24.38
N LEU A 613 20.21 0.99 -24.97
CA LEU A 613 21.32 1.60 -24.23
C LEU A 613 20.99 3.00 -23.76
N LEU A 614 20.32 3.78 -24.61
CA LEU A 614 19.95 5.15 -24.22
C LEU A 614 18.65 5.17 -23.43
N SER A 615 18.54 4.30 -22.42
CA SER A 615 17.41 4.32 -21.51
C SER A 615 17.86 4.26 -20.06
N LEU A 616 18.97 3.55 -19.82
CA LEU A 616 19.46 3.33 -18.47
C LEU A 616 20.59 4.27 -18.09
N ARG A 617 21.25 4.88 -19.08
CA ARG A 617 22.25 5.90 -18.80
C ARG A 617 21.65 7.18 -18.23
N SER A 618 20.33 7.36 -18.35
CA SER A 618 19.70 8.58 -17.87
C SER A 618 19.82 8.69 -16.36
N THR A 619 20.11 9.89 -15.88
CA THR A 619 20.29 10.14 -14.44
C THR A 619 18.98 10.57 -13.79
N GLU A 620 17.94 9.76 -13.94
CA GLU A 620 16.68 10.04 -13.27
C GLU A 620 16.81 9.87 -11.76
N GLY A 621 17.15 8.67 -11.31
CA GLY A 621 17.42 8.43 -9.91
C GLY A 621 18.82 8.76 -9.46
N ILE A 622 19.74 8.95 -10.40
CA ILE A 622 21.12 9.26 -10.08
C ILE A 622 21.53 10.59 -10.72
N ASN A 667 5.07 4.58 -5.50
CA ASN A 667 5.41 5.26 -4.25
C ASN A 667 6.68 6.08 -4.38
N ALA A 668 7.34 5.94 -5.53
CA ALA A 668 8.57 6.68 -5.80
C ALA A 668 8.63 7.02 -7.29
N PHE A 669 9.36 8.09 -7.60
CA PHE A 669 9.50 8.51 -8.99
C PHE A 669 10.50 7.65 -9.75
N PHE A 670 11.39 6.95 -9.04
CA PHE A 670 12.42 6.14 -9.68
C PHE A 670 11.87 4.84 -10.26
N ASP A 671 10.60 4.52 -10.00
CA ASP A 671 10.02 3.24 -10.41
C ASP A 671 10.17 3.03 -11.92
N GLU A 672 10.20 4.11 -12.69
CA GLU A 672 10.39 4.00 -14.13
C GLU A 672 11.60 3.14 -14.47
N LYS A 673 12.73 3.39 -13.79
CA LYS A 673 13.93 2.61 -14.05
C LYS A 673 13.64 1.12 -13.95
N GLU A 674 12.91 0.72 -12.90
CA GLU A 674 12.57 -0.69 -12.72
C GLU A 674 11.99 -1.28 -13.99
N ASP A 675 11.04 -0.58 -14.61
CA ASP A 675 10.43 -1.09 -15.84
C ASP A 675 11.50 -1.39 -16.88
N THR A 676 12.37 -0.41 -17.14
CA THR A 676 13.44 -0.63 -18.11
C THR A 676 14.31 -1.80 -17.69
N CYS A 677 14.59 -1.90 -16.39
CA CYS A 677 15.38 -3.00 -15.88
C CYS A 677 14.72 -4.34 -16.23
N ALA A 678 13.41 -4.44 -16.02
CA ALA A 678 12.72 -5.69 -16.30
C ALA A 678 12.93 -6.13 -17.73
N ALA A 679 13.15 -5.18 -18.64
CA ALA A 679 13.37 -5.51 -20.05
C ALA A 679 14.48 -6.54 -20.20
N VAL A 680 15.63 -6.28 -19.56
CA VAL A 680 16.78 -7.16 -19.80
C VAL A 680 16.48 -8.57 -19.33
N GLY A 681 15.55 -8.73 -18.38
CA GLY A 681 15.18 -10.06 -17.95
C GLY A 681 14.69 -10.92 -19.10
N GLU A 682 13.83 -10.37 -19.95
CA GLU A 682 13.31 -11.16 -21.05
C GLU A 682 14.42 -11.59 -22.00
N ILE A 683 15.55 -10.90 -21.99
CA ILE A 683 16.67 -11.26 -22.87
C ILE A 683 17.13 -12.69 -22.58
N SER A 684 16.88 -13.18 -21.37
CA SER A 684 17.27 -14.54 -21.03
C SER A 684 16.49 -15.60 -21.79
N VAL A 685 15.32 -15.26 -22.36
CA VAL A 685 14.47 -16.27 -22.97
C VAL A 685 15.09 -16.78 -24.26
N ASN A 686 15.22 -15.91 -25.26
CA ASN A 686 15.79 -16.32 -26.55
C ASN A 686 16.31 -15.07 -27.27
N THR A 687 17.63 -14.95 -27.34
CA THR A 687 18.24 -13.86 -28.11
C THR A 687 19.42 -14.34 -28.94
N SER A 688 19.58 -15.66 -29.14
CA SER A 688 20.67 -16.26 -29.90
C SER A 688 21.99 -15.84 -29.26
N VAL A 689 22.92 -15.21 -29.98
CA VAL A 689 24.20 -14.81 -29.42
C VAL A 689 24.47 -13.36 -29.80
N ALA A 690 23.44 -12.65 -30.24
CA ALA A 690 23.61 -11.26 -30.67
C ALA A 690 24.02 -10.34 -29.52
N PHE A 691 23.76 -10.74 -28.28
CA PHE A 691 24.08 -9.90 -27.13
C PHE A 691 25.51 -10.07 -26.65
N LEU A 692 26.30 -10.93 -27.30
CA LEU A 692 27.67 -11.15 -26.87
C LEU A 692 28.50 -9.87 -26.82
N PRO A 693 28.50 -9.01 -27.84
CA PRO A 693 29.14 -7.70 -27.67
C PRO A 693 28.31 -6.72 -26.87
N TYR A 694 26.99 -6.94 -26.78
CA TYR A 694 26.11 -6.05 -26.05
C TYR A 694 26.22 -6.25 -24.54
N MET A 695 26.51 -7.47 -24.10
CA MET A 695 26.51 -7.78 -22.66
C MET A 695 27.53 -6.94 -21.91
N GLU A 696 28.79 -6.94 -22.38
CA GLU A 696 29.79 -6.08 -21.78
C GLU A 696 29.40 -4.61 -21.82
N SER A 697 28.55 -4.23 -22.77
CA SER A 697 28.15 -2.83 -22.90
C SER A 697 27.28 -2.40 -21.74
N VAL A 698 26.59 -3.33 -21.08
CA VAL A 698 25.56 -3.00 -20.10
C VAL A 698 25.90 -3.56 -18.71
N PHE A 699 26.35 -4.82 -18.66
CA PHE A 699 26.42 -5.55 -17.39
C PHE A 699 27.19 -4.76 -16.33
N GLU A 700 28.37 -4.26 -16.68
CA GLU A 700 29.18 -3.54 -15.71
C GLU A 700 28.42 -2.35 -15.14
N GLU A 701 27.77 -1.57 -16.01
CA GLU A 701 26.94 -0.49 -15.51
C GLU A 701 25.80 -1.03 -14.66
N VAL A 702 25.17 -2.12 -15.10
CA VAL A 702 24.19 -2.80 -14.29
C VAL A 702 24.83 -3.27 -12.99
N PHE A 703 26.08 -3.72 -13.06
CA PHE A 703 26.82 -4.03 -11.83
C PHE A 703 26.85 -2.81 -10.92
N LYS A 704 27.18 -1.65 -11.46
CA LYS A 704 27.22 -0.44 -10.65
C LYS A 704 25.83 -0.04 -10.15
N LEU A 705 24.78 -0.65 -10.67
CA LEU A 705 23.42 -0.41 -10.21
C LEU A 705 22.98 -1.34 -9.11
N LEU A 706 23.82 -2.32 -8.71
CA LEU A 706 23.40 -3.20 -7.63
C LEU A 706 23.40 -2.49 -6.28
N GLU A 707 24.01 -1.32 -6.19
CA GLU A 707 24.07 -0.56 -4.95
C GLU A 707 23.26 0.72 -5.10
N CYS A 708 22.28 0.90 -4.21
CA CYS A 708 21.41 2.07 -4.20
C CYS A 708 20.59 2.08 -2.91
N PRO A 709 20.39 3.24 -2.29
CA PRO A 709 19.55 3.29 -1.08
C PRO A 709 18.13 2.81 -1.32
N HIS A 710 17.58 3.02 -2.52
CA HIS A 710 16.23 2.57 -2.82
C HIS A 710 16.19 1.04 -2.89
N LEU A 711 15.23 0.44 -2.17
CA LEU A 711 15.19 -1.01 -2.05
C LEU A 711 14.66 -1.65 -3.33
N ASN A 712 13.61 -1.08 -3.92
CA ASN A 712 12.97 -1.69 -5.08
C ASN A 712 13.89 -1.67 -6.30
N VAL A 713 14.66 -0.60 -6.48
CA VAL A 713 15.62 -0.58 -7.58
C VAL A 713 16.69 -1.65 -7.37
N ARG A 714 17.06 -1.90 -6.11
CA ARG A 714 18.02 -2.96 -5.82
C ARG A 714 17.43 -4.32 -6.15
N LYS A 715 16.16 -4.54 -5.82
CA LYS A 715 15.51 -5.80 -6.19
C LYS A 715 15.46 -5.97 -7.70
N ALA A 716 15.12 -4.91 -8.41
CA ALA A 716 15.08 -4.98 -9.88
C ALA A 716 16.45 -5.28 -10.46
N ALA A 717 17.48 -4.62 -9.95
CA ALA A 717 18.83 -4.88 -10.43
C ALA A 717 19.25 -6.31 -10.15
N HIS A 718 18.89 -6.83 -8.98
CA HIS A 718 19.29 -8.20 -8.65
C HIS A 718 18.57 -9.22 -9.52
N GLU A 719 17.26 -9.02 -9.74
CA GLU A 719 16.54 -9.95 -10.62
C GLU A 719 17.03 -9.84 -12.06
N ALA A 720 17.47 -8.65 -12.48
CA ALA A 720 18.11 -8.52 -13.77
C ALA A 720 19.44 -9.28 -13.82
N LEU A 721 20.21 -9.23 -12.74
CA LEU A 721 21.43 -10.03 -12.67
C LEU A 721 21.12 -11.52 -12.74
N GLY A 722 19.98 -11.93 -12.20
CA GLY A 722 19.64 -13.34 -12.12
C GLY A 722 19.42 -14.03 -13.46
N GLN A 723 19.33 -13.28 -14.56
CA GLN A 723 19.08 -13.89 -15.87
C GLN A 723 20.33 -13.98 -16.75
N PHE A 724 21.44 -13.36 -16.34
CA PHE A 724 22.66 -13.48 -17.13
C PHE A 724 23.18 -14.91 -17.13
N CYS A 725 22.95 -15.66 -16.05
CA CYS A 725 23.31 -17.07 -16.05
C CYS A 725 22.65 -17.79 -17.22
N CYS A 726 21.33 -17.63 -17.35
CA CYS A 726 20.61 -18.26 -18.45
C CYS A 726 21.07 -17.72 -19.80
N ALA A 727 21.34 -16.42 -19.88
CA ALA A 727 21.78 -15.84 -21.15
C ALA A 727 23.10 -16.47 -21.62
N LEU A 728 24.11 -16.49 -20.75
CA LEU A 728 25.39 -17.10 -21.12
C LEU A 728 25.25 -18.60 -21.35
N HIS A 729 24.43 -19.29 -20.56
CA HIS A 729 24.29 -20.73 -20.75
C HIS A 729 23.62 -21.06 -22.08
N LYS A 730 22.59 -20.31 -22.46
CA LYS A 730 21.95 -20.54 -23.75
C LYS A 730 22.86 -20.11 -24.90
N ALA A 731 23.73 -19.12 -24.66
CA ALA A 731 24.72 -18.78 -25.68
C ALA A 731 25.71 -19.92 -25.89
N CYS A 732 26.16 -20.54 -24.79
CA CYS A 732 27.18 -21.58 -24.92
C CYS A 732 26.59 -22.90 -25.41
N GLN A 733 25.34 -23.21 -25.06
CA GLN A 733 24.73 -24.45 -25.53
C GLN A 733 24.58 -24.45 -27.04
N SER A 734 24.18 -23.33 -27.62
CA SER A 734 24.23 -23.17 -29.06
C SER A 734 25.69 -23.10 -29.49
N CYS A 735 26.22 -24.22 -29.98
CA CYS A 735 27.66 -24.46 -30.09
C CYS A 735 28.42 -23.31 -30.75
N PRO A 736 29.21 -22.57 -29.97
CA PRO A 736 30.09 -21.56 -30.56
C PRO A 736 31.49 -22.11 -30.78
N SER A 737 32.39 -21.29 -31.32
CA SER A 737 33.79 -21.69 -31.40
C SER A 737 34.40 -21.76 -30.00
N GLU A 738 35.45 -22.57 -29.88
CA GLU A 738 36.12 -22.74 -28.59
C GLU A 738 36.59 -21.43 -27.97
N PRO A 739 37.16 -20.47 -28.70
CA PRO A 739 37.48 -19.17 -28.06
C PRO A 739 36.27 -18.50 -27.44
N ASN A 740 35.10 -18.61 -28.07
CA ASN A 740 33.88 -18.08 -27.46
C ASN A 740 33.58 -18.79 -26.16
N THR A 741 33.74 -20.12 -26.13
CA THR A 741 33.51 -20.87 -24.89
C THR A 741 34.46 -20.40 -23.80
N ALA A 742 35.74 -20.20 -24.13
CA ALA A 742 36.70 -19.73 -23.15
C ALA A 742 36.35 -18.32 -22.64
N ALA A 743 35.97 -17.43 -23.55
CA ALA A 743 35.61 -16.07 -23.15
C ALA A 743 34.39 -16.06 -22.25
N LEU A 744 33.37 -16.85 -22.57
CA LEU A 744 32.18 -16.91 -21.74
C LEU A 744 32.45 -17.60 -20.41
N GLN A 745 33.38 -18.57 -20.39
CA GLN A 745 33.78 -19.17 -19.11
C GLN A 745 34.49 -18.14 -18.24
N ALA A 746 35.35 -17.31 -18.84
CA ALA A 746 36.00 -16.24 -18.08
C ALA A 746 34.97 -15.24 -17.55
N ALA A 747 33.96 -14.92 -18.38
CA ALA A 747 32.89 -14.04 -17.92
C ALA A 747 32.14 -14.66 -16.74
N LEU A 748 31.84 -15.96 -16.82
CA LEU A 748 31.20 -16.63 -15.70
C LEU A 748 32.06 -16.56 -14.45
N ALA A 749 33.37 -16.79 -14.61
CA ALA A 749 34.29 -16.76 -13.47
C ALA A 749 34.32 -15.38 -12.83
N ARG A 750 34.29 -14.32 -13.64
CA ARG A 750 34.29 -12.97 -13.08
C ARG A 750 32.94 -12.58 -12.50
N VAL A 751 31.85 -13.19 -12.96
CA VAL A 751 30.54 -12.80 -12.47
C VAL A 751 30.16 -13.56 -11.19
N VAL A 752 30.71 -14.77 -10.99
CA VAL A 752 30.39 -15.55 -9.78
C VAL A 752 30.64 -14.77 -8.49
N PRO A 753 31.78 -14.10 -8.28
CA PRO A 753 31.99 -13.40 -7.01
C PRO A 753 30.96 -12.31 -6.73
N SER A 754 30.36 -11.72 -7.77
CA SER A 754 29.30 -10.73 -7.55
C SER A 754 28.13 -11.36 -6.82
N TYR A 755 27.80 -12.61 -7.16
CA TYR A 755 26.75 -13.32 -6.44
C TYR A 755 27.27 -13.82 -5.09
N MET A 756 28.53 -14.22 -5.04
CA MET A 756 29.09 -14.81 -3.82
C MET A 756 29.14 -13.81 -2.67
N GLN A 757 29.48 -12.55 -2.97
CA GLN A 757 29.59 -11.54 -1.91
C GLN A 757 28.26 -11.29 -1.21
N ALA A 758 27.14 -11.62 -1.85
CA ALA A 758 25.82 -11.38 -1.30
C ALA A 758 25.32 -12.52 -0.42
N VAL A 759 26.13 -13.53 -0.18
CA VAL A 759 25.67 -14.68 0.61
C VAL A 759 25.46 -14.29 2.07
N ASN A 760 26.31 -13.42 2.61
CA ASN A 760 26.17 -13.00 3.99
C ASN A 760 26.36 -11.50 4.22
N ARG A 761 26.86 -10.74 3.24
CA ARG A 761 27.05 -9.31 3.43
C ARG A 761 25.72 -8.60 3.65
N GLU A 762 24.66 -9.09 3.02
CA GLU A 762 23.36 -8.45 3.15
C GLU A 762 22.83 -8.51 4.58
N ARG A 763 22.18 -7.43 5.01
CA ARG A 763 21.52 -7.35 6.30
C ARG A 763 20.14 -6.75 6.03
N GLU A 764 19.18 -7.62 5.74
CA GLU A 764 17.85 -7.21 5.27
C GLU A 764 16.96 -8.43 5.20
N ARG A 765 15.70 -8.18 4.85
CA ARG A 765 14.69 -9.24 4.78
C ARG A 765 14.08 -9.38 3.39
N GLN A 766 13.73 -8.26 2.75
CA GLN A 766 12.93 -8.30 1.53
C GLN A 766 13.72 -8.88 0.36
N VAL A 767 15.03 -8.60 0.29
CA VAL A 767 15.83 -9.09 -0.83
C VAL A 767 16.37 -10.49 -0.57
N VAL A 768 16.15 -11.04 0.63
CA VAL A 768 16.62 -12.38 0.94
C VAL A 768 15.97 -13.39 0.02
N MET A 769 14.66 -13.25 -0.19
CA MET A 769 14.00 -14.12 -1.16
C MET A 769 14.70 -14.03 -2.49
N ALA A 770 14.77 -12.81 -3.04
CA ALA A 770 15.28 -12.63 -4.40
C ALA A 770 16.67 -13.22 -4.57
N VAL A 771 17.55 -13.00 -3.59
CA VAL A 771 18.88 -13.57 -3.69
C VAL A 771 18.81 -15.11 -3.64
N LEU A 772 17.88 -15.66 -2.86
CA LEU A 772 17.81 -17.11 -2.78
C LEU A 772 17.38 -17.72 -4.12
N GLU A 773 16.29 -17.20 -4.72
CA GLU A 773 15.89 -17.83 -5.99
C GLU A 773 16.88 -17.50 -7.09
N ALA A 774 17.55 -16.35 -7.02
CA ALA A 774 18.56 -16.03 -8.02
C ALA A 774 19.73 -17.01 -7.95
N LEU A 775 20.20 -17.32 -6.74
CA LEU A 775 21.29 -18.28 -6.62
C LEU A 775 20.85 -19.68 -7.05
N THR A 776 19.63 -20.07 -6.68
CA THR A 776 19.13 -21.37 -7.10
C THR A 776 19.03 -21.45 -8.62
N GLY A 777 18.55 -20.38 -9.26
CA GLY A 777 18.45 -20.36 -10.71
C GLY A 777 19.80 -20.40 -11.40
N VAL A 778 20.77 -19.62 -10.89
CA VAL A 778 22.08 -19.60 -11.54
C VAL A 778 22.76 -20.95 -11.38
N LEU A 779 22.54 -21.62 -10.25
CA LEU A 779 23.07 -22.97 -10.10
C LEU A 779 22.35 -23.96 -11.02
N ARG A 780 21.02 -23.81 -11.15
CA ARG A 780 20.28 -24.67 -12.06
C ARG A 780 20.59 -24.36 -13.52
N SER A 781 21.05 -23.15 -13.81
CA SER A 781 21.39 -22.74 -15.17
C SER A 781 22.79 -23.15 -15.57
N CYS A 782 23.52 -23.86 -14.70
CA CYS A 782 24.88 -24.27 -14.99
C CYS A 782 25.12 -25.62 -14.34
N GLY A 783 26.38 -26.02 -14.26
CA GLY A 783 26.75 -27.32 -13.72
C GLY A 783 28.14 -27.34 -13.12
N THR A 784 28.92 -28.38 -13.46
CA THR A 784 30.25 -28.53 -12.90
C THR A 784 31.21 -27.42 -13.31
N LEU A 785 30.89 -26.67 -14.36
CA LEU A 785 31.77 -25.58 -14.78
C LEU A 785 31.80 -24.47 -13.73
N THR A 786 30.74 -24.34 -12.93
CA THR A 786 30.75 -23.39 -11.82
C THR A 786 31.57 -23.89 -10.64
N LEU A 787 32.03 -25.15 -10.68
CA LEU A 787 32.80 -25.74 -9.60
C LEU A 787 34.31 -25.50 -9.76
N LYS A 788 34.71 -24.72 -10.76
CA LYS A 788 36.14 -24.47 -10.97
C LYS A 788 36.84 -23.86 -9.77
N PRO A 789 36.32 -22.81 -9.13
CA PRO A 789 36.99 -22.30 -7.92
C PRO A 789 36.70 -23.20 -6.73
N PRO A 790 37.75 -23.77 -6.11
CA PRO A 790 37.56 -24.68 -4.97
C PRO A 790 37.34 -23.97 -3.64
N GLY A 791 36.47 -22.95 -3.65
CA GLY A 791 36.08 -22.26 -2.45
C GLY A 791 34.58 -22.26 -2.26
N ARG A 792 33.84 -22.43 -3.37
CA ARG A 792 32.39 -22.49 -3.35
C ARG A 792 31.87 -23.87 -2.96
N LEU A 793 32.74 -24.88 -2.93
CA LEU A 793 32.30 -26.25 -2.70
C LEU A 793 31.81 -26.44 -1.27
N ALA A 794 32.56 -25.94 -0.29
CA ALA A 794 32.22 -26.13 1.12
C ALA A 794 32.01 -24.83 1.87
N GLU A 795 32.86 -23.83 1.64
CA GLU A 795 32.71 -22.57 2.36
C GLU A 795 31.40 -21.88 2.04
N LEU A 796 31.05 -21.80 0.75
CA LEU A 796 29.77 -21.20 0.36
C LEU A 796 28.61 -22.00 0.94
N CYS A 797 28.67 -23.33 0.84
CA CYS A 797 27.59 -24.16 1.37
C CYS A 797 27.46 -24.01 2.87
N GLY A 798 28.60 -23.99 3.57
CA GLY A 798 28.55 -23.79 5.01
C GLY A 798 27.98 -22.45 5.40
N VAL A 799 28.35 -21.39 4.67
CA VAL A 799 27.84 -20.06 4.98
C VAL A 799 26.33 -20.01 4.76
N LEU A 800 25.86 -20.54 3.63
CA LEU A 800 24.42 -20.50 3.36
C LEU A 800 23.64 -21.35 4.35
N LYS A 801 24.20 -22.51 4.75
CA LYS A 801 23.54 -23.32 5.76
C LYS A 801 23.46 -22.60 7.09
N ALA A 802 24.54 -21.92 7.49
CA ALA A 802 24.54 -21.17 8.74
C ALA A 802 23.57 -20.00 8.70
N VAL A 803 23.39 -19.41 7.52
CA VAL A 803 22.46 -18.28 7.38
C VAL A 803 21.04 -18.72 7.70
N LEU A 804 20.64 -19.89 7.19
CA LEU A 804 19.27 -20.36 7.41
C LEU A 804 19.07 -20.74 8.87
N GLN A 805 17.81 -20.66 9.31
CA GLN A 805 17.39 -20.98 10.69
C GLN A 805 18.12 -19.99 11.62
N ARG A 806 18.65 -20.45 12.75
CA ARG A 806 19.32 -19.55 13.68
C ARG A 806 20.63 -19.02 13.09
N LYS A 807 21.22 -18.07 13.80
CA LYS A 807 22.42 -17.36 13.38
C LYS A 807 22.20 -16.60 12.06
N THR A 808 20.95 -16.32 11.73
CA THR A 808 20.63 -15.56 10.53
C THR A 808 20.99 -14.09 10.73
N ALA A 809 21.50 -13.46 9.66
CA ALA A 809 21.82 -12.05 9.73
C ALA A 809 20.58 -11.21 10.00
N CYS A 810 19.46 -11.56 9.36
CA CYS A 810 18.22 -10.80 9.51
C CYS A 810 17.51 -11.06 10.83
N GLN A 811 17.69 -12.22 11.43
CA GLN A 811 16.98 -12.57 12.67
C GLN A 811 17.59 -11.77 13.82
N ASP A 812 17.18 -10.50 13.90
CA ASP A 812 17.64 -9.58 14.92
C ASP A 812 16.46 -8.97 15.65
N THR A 813 16.67 -8.62 16.91
CA THR A 813 15.64 -8.02 17.74
C THR A 813 16.10 -6.78 18.50
N ASP A 814 17.41 -6.61 18.72
CA ASP A 814 17.90 -5.49 19.52
C ASP A 814 17.56 -4.15 18.88
N GLU A 815 17.75 -4.04 17.56
CA GLU A 815 17.51 -2.78 16.88
C GLU A 815 16.02 -2.50 16.78
N GLU A 816 15.67 -1.21 16.75
CA GLU A 816 14.29 -0.77 16.64
C GLU A 816 14.05 -0.13 15.28
N GLU A 817 12.79 0.26 15.05
CA GLU A 817 12.35 0.82 13.77
C GLU A 817 12.01 2.29 13.98
N GLU A 818 13.00 3.16 13.78
CA GLU A 818 12.77 4.59 13.95
C GLU A 818 12.22 5.23 12.68
N GLU A 819 12.25 4.51 11.56
CA GLU A 819 11.73 5.01 10.31
C GLU A 819 10.27 4.57 10.14
N GLU A 820 9.68 4.90 9.00
CA GLU A 820 8.31 4.47 8.71
C GLU A 820 8.26 2.96 8.52
N ASP A 821 7.23 2.34 9.08
CA ASP A 821 7.09 0.90 9.03
C ASP A 821 6.21 0.49 7.85
N ASP A 822 5.92 -0.81 7.74
CA ASP A 822 5.09 -1.34 6.68
C ASP A 822 4.23 -2.45 7.28
N ASP A 823 3.61 -3.26 6.40
CA ASP A 823 2.80 -4.36 6.89
C ASP A 823 3.63 -5.38 7.67
N GLN A 824 4.81 -5.72 7.15
CA GLN A 824 5.77 -6.65 7.77
C GLN A 824 5.08 -7.79 8.50
N ALA A 825 4.28 -8.55 7.75
CA ALA A 825 3.47 -9.61 8.31
C ALA A 825 4.28 -10.89 8.51
N GLU A 826 5.43 -10.77 9.16
CA GLU A 826 6.31 -11.88 9.50
C GLU A 826 6.53 -12.80 8.30
N TYR A 827 7.11 -12.22 7.25
CA TYR A 827 7.37 -12.99 6.04
C TYR A 827 8.43 -14.06 6.26
N ASP A 828 9.29 -13.88 7.26
CA ASP A 828 10.45 -14.73 7.44
C ASP A 828 10.07 -16.21 7.54
N ALA A 829 8.91 -16.50 8.13
CA ALA A 829 8.46 -17.89 8.24
C ALA A 829 8.38 -18.54 6.88
N MET A 830 7.72 -17.88 5.93
CA MET A 830 7.63 -18.42 4.58
C MET A 830 9.01 -18.60 3.97
N LEU A 831 9.97 -17.75 4.36
CA LEU A 831 11.33 -17.89 3.88
C LEU A 831 11.82 -19.31 4.08
N LEU A 832 11.45 -19.92 5.22
CA LEU A 832 11.86 -21.29 5.49
C LEU A 832 11.48 -22.22 4.33
N GLU A 833 10.19 -22.21 3.95
CA GLU A 833 9.78 -23.13 2.89
C GLU A 833 10.35 -22.69 1.56
N HIS A 834 10.68 -21.40 1.41
CA HIS A 834 11.37 -20.94 0.22
C HIS A 834 12.77 -21.56 0.15
N ALA A 835 13.43 -21.69 1.31
CA ALA A 835 14.68 -22.43 1.39
C ALA A 835 14.54 -23.85 0.85
N GLY A 836 13.31 -24.31 0.61
CA GLY A 836 13.11 -25.61 0.00
C GLY A 836 13.82 -25.76 -1.33
N GLU A 837 13.87 -24.70 -2.14
CA GLU A 837 14.63 -24.85 -3.38
C GLU A 837 16.10 -24.49 -3.23
N ALA A 838 16.53 -24.04 -2.05
CA ALA A 838 17.94 -23.70 -1.85
C ALA A 838 18.84 -24.94 -1.88
N ILE A 839 18.44 -26.01 -1.17
CA ILE A 839 19.28 -27.20 -1.11
C ILE A 839 19.48 -27.86 -2.47
N PRO A 840 18.44 -28.16 -3.25
CA PRO A 840 18.65 -28.96 -4.48
C PRO A 840 19.52 -28.29 -5.54
N ALA A 841 19.72 -26.98 -5.46
CA ALA A 841 20.53 -26.31 -6.46
C ALA A 841 21.94 -26.88 -6.49
N LEU A 842 22.26 -27.58 -7.59
CA LEU A 842 23.53 -28.28 -7.76
C LEU A 842 23.82 -29.27 -6.64
N ALA A 843 22.76 -29.70 -5.93
CA ALA A 843 22.95 -30.75 -4.92
C ALA A 843 23.32 -32.08 -5.55
N ALA A 844 22.71 -32.41 -6.68
CA ALA A 844 23.00 -33.65 -7.40
C ALA A 844 24.18 -33.49 -8.35
N ALA A 845 25.31 -33.01 -7.82
CA ALA A 845 26.51 -32.81 -8.62
C ALA A 845 27.78 -33.33 -7.96
N ALA A 846 27.70 -33.88 -6.74
CA ALA A 846 28.88 -34.40 -6.08
C ALA A 846 29.06 -35.90 -6.35
N GLY A 847 28.08 -36.70 -5.95
CA GLY A 847 28.16 -38.13 -6.16
C GLY A 847 29.35 -38.78 -5.49
N GLY A 848 29.68 -38.34 -4.28
CA GLY A 848 30.84 -38.84 -3.58
C GLY A 848 32.06 -37.95 -3.62
N ASP A 849 31.88 -36.64 -3.78
CA ASP A 849 32.99 -35.71 -3.82
C ASP A 849 33.49 -35.43 -2.40
N SER A 850 34.51 -34.57 -2.30
CA SER A 850 35.06 -34.22 -1.00
C SER A 850 34.05 -33.47 -0.15
N PHE A 851 33.17 -32.69 -0.77
CA PHE A 851 32.14 -31.94 -0.06
C PHE A 851 30.81 -32.67 0.01
N ALA A 852 30.74 -33.89 -0.51
CA ALA A 852 29.46 -34.60 -0.57
C ALA A 852 28.86 -34.85 0.81
N PRO A 853 29.61 -35.39 1.82
CA PRO A 853 29.03 -35.57 3.16
C PRO A 853 28.93 -34.29 3.98
N PHE A 854 28.43 -33.23 3.35
CA PHE A 854 28.28 -31.94 4.03
C PHE A 854 26.91 -31.76 4.65
N PHE A 855 25.88 -32.38 4.08
CA PHE A 855 24.53 -32.29 4.62
C PHE A 855 24.45 -32.82 6.05
N ALA A 856 25.40 -33.66 6.46
CA ALA A 856 25.45 -34.12 7.84
C ALA A 856 25.54 -32.95 8.80
N GLY A 857 26.22 -31.87 8.42
CA GLY A 857 26.25 -30.69 9.26
C GLY A 857 24.86 -30.12 9.50
N PHE A 858 24.01 -30.17 8.48
CA PHE A 858 22.61 -29.78 8.61
C PHE A 858 21.73 -30.88 9.17
N LEU A 859 22.26 -32.10 9.30
CA LEU A 859 21.43 -33.23 9.70
C LEU A 859 20.79 -33.08 11.08
N PRO A 860 21.52 -32.71 12.14
CA PRO A 860 20.85 -32.61 13.46
C PRO A 860 19.71 -31.60 13.49
N LEU A 861 19.86 -30.48 12.79
CA LEU A 861 18.81 -29.47 12.78
C LEU A 861 17.54 -30.00 12.13
N LEU A 862 17.68 -30.82 11.08
CA LEU A 862 16.51 -31.46 10.49
C LEU A 862 15.75 -32.30 11.51
N VAL A 863 16.44 -32.78 12.55
CA VAL A 863 15.75 -33.49 13.62
C VAL A 863 14.71 -32.59 14.27
N CYS A 864 15.07 -31.33 14.53
CA CYS A 864 14.11 -30.38 15.08
C CYS A 864 12.90 -30.24 14.15
N LYS A 865 13.10 -30.46 12.85
CA LYS A 865 11.98 -30.42 11.91
C LYS A 865 11.00 -31.56 12.18
N THR A 866 11.51 -32.76 12.46
CA THR A 866 10.64 -33.92 12.61
C THR A 866 10.10 -34.09 14.02
N LYS A 867 10.50 -33.23 14.96
CA LYS A 867 9.95 -33.30 16.30
C LYS A 867 8.47 -32.95 16.28
N GLN A 868 7.71 -33.58 17.18
CA GLN A 868 6.26 -33.38 17.26
C GLN A 868 5.95 -32.05 17.96
N GLY A 869 6.46 -30.98 17.37
CA GLY A 869 6.23 -29.64 17.90
C GLY A 869 6.10 -28.59 16.81
N CYS A 870 5.80 -29.03 15.59
CA CYS A 870 5.69 -28.12 14.46
C CYS A 870 4.40 -28.43 13.72
N THR A 871 4.21 -27.79 12.57
CA THR A 871 3.00 -27.94 11.78
C THR A 871 3.24 -28.90 10.61
N VAL A 872 2.14 -29.21 9.91
CA VAL A 872 2.22 -30.10 8.75
C VAL A 872 3.07 -29.48 7.65
N ALA A 873 3.05 -28.16 7.51
CA ALA A 873 3.88 -27.50 6.50
C ALA A 873 5.35 -27.71 6.78
N GLU A 874 5.76 -27.62 8.05
CA GLU A 874 7.17 -27.86 8.39
C GLU A 874 7.58 -29.29 8.07
N LYS A 875 6.72 -30.25 8.38
CA LYS A 875 7.02 -31.65 8.07
C LYS A 875 7.13 -31.88 6.57
N SER A 876 6.22 -31.26 5.80
CA SER A 876 6.29 -31.39 4.35
C SER A 876 7.58 -30.78 3.80
N PHE A 877 7.96 -29.60 4.32
CA PHE A 877 9.22 -28.99 3.95
C PHE A 877 10.40 -29.91 4.23
N ALA A 878 10.45 -30.46 5.45
CA ALA A 878 11.58 -31.30 5.83
C ALA A 878 11.64 -32.55 4.97
N VAL A 879 10.48 -33.19 4.73
CA VAL A 879 10.48 -34.43 3.97
C VAL A 879 10.85 -34.17 2.51
N GLY A 880 10.39 -33.06 1.95
CA GLY A 880 10.80 -32.71 0.59
C GLY A 880 12.29 -32.44 0.49
N THR A 881 12.83 -31.68 1.44
CA THR A 881 14.26 -31.38 1.43
C THR A 881 15.07 -32.65 1.52
N LEU A 882 14.73 -33.53 2.47
CA LEU A 882 15.40 -34.83 2.56
C LEU A 882 15.25 -35.62 1.27
N ALA A 883 14.12 -35.45 0.58
CA ALA A 883 13.92 -36.14 -0.69
C ALA A 883 14.96 -35.71 -1.72
N GLU A 884 15.14 -34.39 -1.90
CA GLU A 884 16.16 -34.04 -2.90
C GLU A 884 17.57 -34.40 -2.44
N THR A 885 17.87 -34.29 -1.14
CA THR A 885 19.20 -34.68 -0.69
C THR A 885 19.47 -36.15 -0.95
N ILE A 886 18.50 -37.03 -0.68
CA ILE A 886 18.75 -38.46 -0.87
C ILE A 886 18.77 -38.81 -2.35
N GLN A 887 17.92 -38.18 -3.17
CA GLN A 887 17.93 -38.52 -4.59
C GLN A 887 19.17 -37.98 -5.28
N GLY A 888 19.75 -36.90 -4.75
CA GLY A 888 20.93 -36.33 -5.36
C GLY A 888 22.15 -37.23 -5.28
N LEU A 889 22.39 -37.83 -4.12
CA LEU A 889 23.60 -38.60 -3.87
C LEU A 889 23.30 -40.09 -3.84
N GLY A 890 24.32 -40.89 -3.49
CA GLY A 890 24.21 -42.33 -3.54
C GLY A 890 24.58 -43.04 -2.25
N ALA A 891 25.58 -43.92 -2.32
CA ALA A 891 25.90 -44.80 -1.20
C ALA A 891 26.32 -44.01 0.04
N ALA A 892 27.11 -42.94 -0.15
CA ALA A 892 27.53 -42.12 0.98
C ALA A 892 26.31 -41.54 1.70
N SER A 893 25.37 -40.99 0.95
CA SER A 893 24.11 -40.56 1.54
C SER A 893 23.20 -41.74 1.89
N ALA A 894 23.41 -42.89 1.25
CA ALA A 894 22.60 -44.06 1.56
C ALA A 894 22.84 -44.53 2.99
N GLN A 895 24.09 -44.52 3.45
CA GLN A 895 24.33 -44.91 4.84
C GLN A 895 23.73 -43.90 5.81
N PHE A 896 23.79 -42.61 5.49
CA PHE A 896 23.17 -41.60 6.34
C PHE A 896 21.66 -41.81 6.44
N VAL A 897 21.00 -42.05 5.31
CA VAL A 897 19.55 -42.25 5.35
C VAL A 897 19.22 -43.59 6.00
N SER A 898 20.09 -44.59 5.89
CA SER A 898 19.88 -45.83 6.61
C SER A 898 19.92 -45.61 8.11
N ARG A 899 20.86 -44.80 8.58
CA ARG A 899 20.90 -44.46 10.00
C ARG A 899 19.74 -43.58 10.41
N LEU A 900 19.20 -42.78 9.49
CA LEU A 900 18.06 -41.92 9.76
C LEU A 900 16.72 -42.62 9.58
N LEU A 901 16.73 -43.87 9.11
CA LEU A 901 15.49 -44.63 8.94
C LEU A 901 14.59 -44.67 10.18
N PRO A 902 15.09 -44.82 11.41
CA PRO A 902 14.17 -44.77 12.56
C PRO A 902 13.37 -43.48 12.65
N VAL A 903 13.95 -42.35 12.22
CA VAL A 903 13.18 -41.11 12.15
C VAL A 903 12.03 -41.26 11.16
N LEU A 904 12.30 -41.86 9.99
CA LEU A 904 11.26 -42.04 9.00
C LEU A 904 10.16 -42.95 9.51
N LEU A 905 10.52 -44.03 10.21
CA LEU A 905 9.51 -44.88 10.82
C LEU A 905 8.72 -44.15 11.90
N SER A 906 9.39 -43.26 12.65
CA SER A 906 8.69 -42.45 13.63
C SER A 906 7.66 -41.54 12.97
N THR A 907 8.01 -40.96 11.82
CA THR A 907 7.04 -40.15 11.08
C THR A 907 5.82 -40.98 10.69
N ALA A 908 6.06 -42.18 10.16
CA ALA A 908 5.01 -43.15 9.83
C ALA A 908 3.90 -42.53 8.98
N GLN A 909 2.67 -42.53 9.50
CA GLN A 909 1.50 -42.03 8.79
C GLN A 909 0.84 -40.97 9.65
N GLU A 910 0.99 -39.70 9.26
CA GLU A 910 0.35 -38.59 9.96
C GLU A 910 -1.06 -38.41 9.43
N ALA A 911 -1.78 -37.43 9.96
CA ALA A 911 -3.15 -37.14 9.57
C ALA A 911 -3.13 -35.99 8.55
N ASP A 912 -2.71 -36.30 7.33
CA ASP A 912 -2.72 -35.34 6.23
C ASP A 912 -2.61 -36.09 4.91
N PRO A 913 -3.46 -35.76 3.93
CA PRO A 913 -3.48 -36.55 2.69
C PRO A 913 -2.23 -36.41 1.83
N GLU A 914 -1.42 -35.37 2.03
CA GLU A 914 -0.34 -35.07 1.11
C GLU A 914 1.03 -34.93 1.78
N VAL A 915 1.13 -35.16 3.08
CA VAL A 915 2.42 -35.04 3.76
C VAL A 915 3.17 -36.37 3.66
N ARG A 916 4.50 -36.29 3.80
CA ARG A 916 5.40 -37.43 3.93
C ARG A 916 5.60 -38.16 2.59
N SER A 917 4.83 -37.81 1.56
CA SER A 917 4.94 -38.48 0.26
C SER A 917 6.35 -38.39 -0.32
N ASN A 918 7.06 -37.30 -0.03
CA ASN A 918 8.43 -37.15 -0.53
C ASN A 918 9.29 -38.33 -0.09
N ALA A 919 9.26 -38.67 1.19
CA ALA A 919 9.98 -39.86 1.64
C ALA A 919 9.33 -41.13 1.10
N ILE A 920 8.02 -41.12 0.87
CA ILE A 920 7.35 -42.32 0.37
C ILE A 920 7.96 -42.74 -0.97
N PHE A 921 8.25 -41.78 -1.85
CA PHE A 921 9.03 -42.15 -3.02
C PHE A 921 10.54 -42.09 -2.79
N GLY A 922 10.98 -41.50 -1.67
CA GLY A 922 12.39 -41.47 -1.37
C GLY A 922 12.95 -42.85 -1.05
N MET A 923 12.16 -43.68 -0.35
CA MET A 923 12.59 -45.07 -0.16
C MET A 923 12.82 -45.75 -1.51
N GLY A 924 11.96 -45.50 -2.49
CA GLY A 924 12.19 -46.07 -3.81
C GLY A 924 13.46 -45.52 -4.46
N VAL A 925 13.63 -44.21 -4.43
CA VAL A 925 14.78 -43.61 -5.12
C VAL A 925 16.08 -44.06 -4.49
N LEU A 926 16.10 -44.30 -3.18
CA LEU A 926 17.27 -44.92 -2.57
C LEU A 926 17.31 -46.43 -2.82
N ALA A 927 16.17 -47.04 -3.14
CA ALA A 927 16.19 -48.46 -3.51
C ALA A 927 16.93 -48.68 -4.82
N GLU A 928 16.78 -47.78 -5.79
CA GLU A 928 17.66 -47.89 -6.95
C GLU A 928 19.00 -47.20 -6.73
N HIS A 929 19.23 -46.58 -5.57
CA HIS A 929 20.50 -45.96 -5.23
C HIS A 929 21.24 -46.81 -4.20
N GLY A 930 22.38 -46.29 -3.77
CA GLY A 930 23.15 -46.95 -2.72
C GLY A 930 23.89 -48.19 -3.18
N GLY A 931 23.14 -49.23 -3.52
CA GLY A 931 23.74 -50.51 -3.88
C GLY A 931 23.81 -51.46 -2.70
N HIS A 932 25.01 -51.67 -2.17
CA HIS A 932 25.14 -52.49 -0.98
C HIS A 932 24.36 -51.96 0.23
N PRO A 933 24.24 -50.65 0.48
CA PRO A 933 23.34 -50.23 1.56
C PRO A 933 21.91 -50.67 1.36
N ALA A 934 21.44 -50.71 0.10
CA ALA A 934 20.12 -51.28 -0.17
C ALA A 934 20.10 -52.76 0.17
N GLN A 935 21.15 -53.50 -0.19
CA GLN A 935 21.22 -54.92 0.13
C GLN A 935 21.35 -55.17 1.63
N GLU A 936 21.69 -54.13 2.41
CA GLU A 936 21.84 -54.32 3.85
C GLU A 936 20.51 -54.67 4.53
N HIS A 937 19.39 -54.14 4.02
CA HIS A 937 18.14 -54.15 4.78
C HIS A 937 16.95 -54.57 3.91
N PHE A 938 17.05 -55.70 3.22
CA PHE A 938 15.87 -56.23 2.52
C PHE A 938 14.63 -56.30 3.38
N PRO A 939 14.64 -56.86 4.60
CA PRO A 939 13.41 -56.90 5.39
C PRO A 939 12.83 -55.53 5.68
N LYS A 940 13.67 -54.52 5.91
CA LYS A 940 13.18 -53.17 6.10
C LYS A 940 12.59 -52.63 4.80
N LEU A 941 13.22 -52.92 3.66
CA LEU A 941 12.73 -52.44 2.38
C LEU A 941 11.35 -53.01 2.08
N LEU A 942 11.18 -54.32 2.19
CA LEU A 942 9.88 -54.93 1.99
C LEU A 942 8.96 -54.58 3.16
N GLY A 943 7.65 -54.52 2.89
CA GLY A 943 6.72 -54.18 3.93
C GLY A 943 6.49 -52.70 4.06
N LEU A 944 7.22 -52.06 4.98
CA LEU A 944 7.06 -50.64 5.27
C LEU A 944 5.65 -50.33 5.75
N LEU A 945 5.15 -51.18 6.65
CA LEU A 945 3.79 -51.10 7.17
C LEU A 945 2.78 -51.05 6.02
N PHE A 946 2.90 -52.05 5.15
CA PHE A 946 2.12 -52.10 3.92
C PHE A 946 0.61 -52.05 4.13
N PRO A 947 0.00 -52.74 5.14
CA PRO A 947 -1.47 -52.72 5.29
C PRO A 947 -2.13 -51.36 5.15
N LEU A 948 -1.38 -50.29 5.38
CA LEU A 948 -1.90 -48.93 5.26
C LEU A 948 -2.45 -48.62 3.88
N LEU A 949 -2.29 -49.53 2.89
CA LEU A 949 -2.95 -49.32 1.62
C LEU A 949 -4.46 -49.30 1.76
N ALA A 950 -5.00 -49.95 2.81
CA ALA A 950 -6.43 -49.87 3.07
C ALA A 950 -6.82 -48.48 3.57
N ARG A 951 -5.89 -47.76 4.19
CA ARG A 951 -6.12 -46.40 4.67
C ARG A 951 -6.06 -45.37 3.55
N GLU A 952 -5.59 -45.75 2.36
CA GLU A 952 -5.36 -44.80 1.29
C GLU A 952 -6.62 -44.00 0.96
N ARG A 953 -6.49 -42.68 0.93
CA ARG A 953 -7.60 -41.79 0.59
C ARG A 953 -7.20 -40.82 -0.52
N HIS A 954 -5.92 -40.49 -0.59
CA HIS A 954 -5.41 -39.54 -1.57
C HIS A 954 -4.61 -40.28 -2.65
N ASP A 955 -4.70 -39.77 -3.88
CA ASP A 955 -4.06 -40.44 -5.01
C ASP A 955 -2.54 -40.36 -4.91
N ARG A 956 -2.00 -39.24 -4.41
CA ARG A 956 -0.56 -39.03 -4.42
C ARG A 956 0.17 -40.11 -3.63
N VAL A 957 -0.30 -40.40 -2.42
CA VAL A 957 0.40 -41.36 -1.57
C VAL A 957 0.36 -42.74 -2.20
N ARG A 958 -0.77 -43.11 -2.80
CA ARG A 958 -0.85 -44.39 -3.49
C ARG A 958 0.14 -44.46 -4.64
N ASP A 959 0.24 -43.40 -5.44
CA ASP A 959 1.17 -43.41 -6.56
C ASP A 959 2.62 -43.54 -6.08
N ASN A 960 2.98 -42.80 -5.02
CA ASN A 960 4.34 -42.89 -4.51
C ASN A 960 4.64 -44.27 -3.94
N ILE A 961 3.67 -44.87 -3.23
CA ILE A 961 3.87 -46.23 -2.71
C ILE A 961 4.10 -47.21 -3.86
N CYS A 962 3.27 -47.13 -4.90
CA CYS A 962 3.41 -48.04 -6.03
C CYS A 962 4.76 -47.86 -6.71
N GLY A 963 5.17 -46.61 -6.93
CA GLY A 963 6.45 -46.37 -7.58
C GLY A 963 7.63 -46.85 -6.76
N ALA A 964 7.61 -46.59 -5.45
CA ALA A 964 8.69 -47.04 -4.59
C ALA A 964 8.78 -48.56 -4.56
N LEU A 965 7.63 -49.23 -4.49
CA LEU A 965 7.65 -50.69 -4.47
C LEU A 965 8.09 -51.25 -5.82
N ALA A 966 7.73 -50.57 -6.91
CA ALA A 966 8.21 -51.00 -8.23
C ALA A 966 9.73 -50.89 -8.32
N ARG A 967 10.30 -49.78 -7.84
CA ARG A 967 11.74 -49.65 -7.79
C ARG A 967 12.38 -50.71 -6.92
N LEU A 968 11.78 -51.00 -5.77
CA LEU A 968 12.32 -52.04 -4.90
C LEU A 968 12.30 -53.40 -5.60
N LEU A 969 11.20 -53.72 -6.28
CA LEU A 969 11.09 -55.01 -6.94
C LEU A 969 12.08 -55.13 -8.09
N MET A 970 12.29 -54.05 -8.84
CA MET A 970 13.14 -54.09 -10.02
C MET A 970 14.59 -53.72 -9.70
N ALA A 971 14.92 -53.47 -8.44
CA ALA A 971 16.32 -53.21 -8.08
C ALA A 971 17.19 -54.41 -8.42
N SER A 972 16.69 -55.62 -8.20
CA SER A 972 17.38 -56.84 -8.57
C SER A 972 16.34 -57.90 -8.90
N PRO A 973 16.61 -58.77 -9.88
CA PRO A 973 15.67 -59.85 -10.18
C PRO A 973 15.69 -60.95 -9.13
N THR A 974 15.24 -60.63 -7.92
CA THR A 974 15.26 -61.55 -6.80
C THR A 974 13.85 -61.79 -6.30
N ARG A 975 13.74 -62.67 -5.30
CA ARG A 975 12.44 -62.98 -4.72
C ARG A 975 11.84 -61.75 -4.06
N LYS A 976 10.52 -61.62 -4.19
CA LYS A 976 9.79 -60.48 -3.66
C LYS A 976 8.37 -60.91 -3.31
N PRO A 977 7.53 -60.00 -2.81
CA PRO A 977 6.13 -60.38 -2.54
C PRO A 977 5.41 -60.90 -3.76
N GLU A 978 5.76 -60.40 -4.95
CA GLU A 978 5.18 -60.83 -6.22
C GLU A 978 3.67 -60.77 -6.18
N PRO A 979 2.96 -61.82 -6.64
CA PRO A 979 1.50 -61.81 -6.56
C PRO A 979 1.00 -61.73 -5.13
N GLN A 980 0.41 -60.58 -4.78
CA GLN A 980 0.05 -60.16 -3.44
C GLN A 980 0.07 -58.63 -3.40
N VAL A 981 1.23 -58.05 -3.06
CA VAL A 981 1.37 -56.60 -3.10
C VAL A 981 1.23 -56.09 -4.53
N LEU A 982 1.79 -56.84 -5.49
CA LEU A 982 1.65 -56.46 -6.89
C LEU A 982 0.18 -56.42 -7.31
N ALA A 983 -0.57 -57.48 -6.98
CA ALA A 983 -1.99 -57.51 -7.32
C ALA A 983 -2.75 -56.40 -6.60
N ALA A 984 -2.40 -56.13 -5.35
CA ALA A 984 -3.07 -55.07 -4.59
C ALA A 984 -2.84 -53.71 -5.24
N LEU A 985 -1.60 -53.41 -5.64
CA LEU A 985 -1.33 -52.10 -6.22
C LEU A 985 -1.90 -52.00 -7.63
N LEU A 986 -1.98 -53.12 -8.36
CA LEU A 986 -2.68 -53.12 -9.63
C LEU A 986 -4.17 -52.85 -9.45
N HIS A 987 -4.77 -53.41 -8.40
CA HIS A 987 -6.19 -53.21 -8.15
C HIS A 987 -6.52 -51.74 -7.97
N ALA A 988 -5.79 -51.07 -7.07
CA ALA A 988 -5.99 -49.64 -6.84
C ALA A 988 -4.93 -48.85 -7.61
N LEU A 989 -5.04 -48.89 -8.93
CA LEU A 989 -4.13 -48.20 -9.84
C LEU A 989 -4.93 -47.43 -10.88
N PRO A 990 -5.53 -46.30 -10.51
CA PRO A 990 -6.09 -45.41 -11.52
C PRO A 990 -5.00 -44.60 -12.21
N LEU A 991 -4.03 -44.14 -11.43
CA LEU A 991 -2.95 -43.26 -11.89
C LEU A 991 -3.49 -42.14 -12.78
N LYS A 992 -4.35 -41.32 -12.19
CA LYS A 992 -4.92 -40.18 -12.89
C LYS A 992 -4.11 -38.91 -12.74
N GLU A 993 -3.23 -38.83 -11.73
CA GLU A 993 -2.45 -37.63 -11.50
C GLU A 993 -1.00 -37.94 -11.15
N ASP A 994 -0.45 -39.03 -11.68
CA ASP A 994 0.95 -39.38 -11.46
C ASP A 994 1.81 -38.70 -12.53
N LEU A 995 1.77 -37.37 -12.50
CA LEU A 995 2.43 -36.54 -13.51
C LEU A 995 3.94 -36.49 -13.36
N GLU A 996 4.52 -37.31 -12.48
CA GLU A 996 5.97 -37.37 -12.34
C GLU A 996 6.55 -38.78 -12.42
N GLU A 997 5.72 -39.83 -12.35
CA GLU A 997 6.22 -41.19 -12.24
C GLU A 997 5.75 -42.06 -13.41
N TRP A 998 5.69 -41.48 -14.61
CA TRP A 998 5.56 -42.29 -15.81
C TRP A 998 6.79 -43.15 -16.07
N VAL A 999 7.93 -42.77 -15.51
CA VAL A 999 9.16 -43.53 -15.70
C VAL A 999 9.03 -44.91 -15.06
N THR A 1000 8.33 -45.02 -13.93
CA THR A 1000 8.11 -46.33 -13.32
C THR A 1000 7.32 -47.24 -14.24
N ILE A 1001 6.25 -46.70 -14.83
CA ILE A 1001 5.42 -47.50 -15.75
C ILE A 1001 6.23 -47.89 -16.97
N GLY A 1002 7.03 -46.96 -17.51
CA GLY A 1002 7.84 -47.28 -18.67
C GLY A 1002 8.87 -48.36 -18.38
N ARG A 1003 9.53 -48.27 -17.23
CA ARG A 1003 10.56 -49.25 -16.89
C ARG A 1003 9.98 -50.62 -16.55
N LEU A 1004 8.78 -50.67 -15.94
CA LEU A 1004 8.21 -51.98 -15.66
C LEU A 1004 7.76 -52.68 -16.94
N PHE A 1005 7.50 -51.92 -18.00
CA PHE A 1005 7.11 -52.52 -19.27
C PHE A 1005 8.25 -53.32 -19.87
N SER A 1006 7.92 -54.51 -20.38
CA SER A 1006 8.83 -55.35 -21.13
C SER A 1006 10.07 -55.77 -20.34
N PHE A 1007 10.05 -55.56 -19.03
CA PHE A 1007 11.16 -55.95 -18.16
C PHE A 1007 10.93 -57.40 -17.77
N LEU A 1008 11.34 -58.32 -18.64
CA LEU A 1008 11.15 -59.74 -18.41
C LEU A 1008 12.44 -60.38 -17.89
N ASP A 1014 14.24 -63.97 -11.72
CA ASP A 1014 13.03 -63.79 -10.94
C ASP A 1014 11.84 -64.52 -11.57
N GLN A 1015 10.63 -64.08 -11.23
CA GLN A 1015 9.43 -64.70 -11.76
C GLN A 1015 9.09 -64.12 -13.14
N VAL A 1016 8.16 -64.79 -13.82
CA VAL A 1016 7.74 -64.41 -15.17
C VAL A 1016 6.21 -64.45 -15.22
N ILE A 1017 5.65 -63.72 -16.19
CA ILE A 1017 4.21 -63.66 -16.44
C ILE A 1017 3.50 -63.04 -15.24
N ASP A 1018 3.53 -63.74 -14.11
CA ASP A 1018 2.90 -63.27 -12.86
C ASP A 1018 1.40 -63.14 -13.10
N VAL A 1019 0.74 -62.13 -12.52
CA VAL A 1019 -0.70 -61.97 -12.65
C VAL A 1019 -0.96 -61.13 -13.92
N ALA A 1020 -0.96 -61.81 -15.06
CA ALA A 1020 -1.26 -61.15 -16.32
C ALA A 1020 -2.69 -60.58 -16.39
N PRO A 1021 -3.74 -61.32 -15.99
CA PRO A 1021 -5.09 -60.75 -16.15
C PRO A 1021 -5.30 -59.43 -15.43
N GLU A 1022 -4.69 -59.25 -14.25
CA GLU A 1022 -4.86 -58.00 -13.52
C GLU A 1022 -4.28 -56.82 -14.29
N LEU A 1023 -3.04 -56.95 -14.76
CA LEU A 1023 -2.43 -55.86 -15.50
C LEU A 1023 -3.17 -55.62 -16.82
N LEU A 1024 -3.63 -56.68 -17.47
CA LEU A 1024 -4.37 -56.52 -18.71
C LEU A 1024 -5.66 -55.76 -18.49
N ARG A 1025 -6.42 -56.14 -17.47
CA ARG A 1025 -7.68 -55.45 -17.20
C ARG A 1025 -7.43 -53.99 -16.80
N ILE A 1026 -6.39 -53.75 -16.01
CA ILE A 1026 -6.10 -52.38 -15.58
C ILE A 1026 -5.72 -51.51 -16.77
N CYS A 1027 -4.84 -52.02 -17.65
CA CYS A 1027 -4.41 -51.21 -18.79
C CYS A 1027 -5.57 -51.01 -19.77
N SER A 1028 -6.48 -51.98 -19.88
CA SER A 1028 -7.67 -51.76 -20.69
C SER A 1028 -8.55 -50.68 -20.07
N LEU A 1029 -8.66 -50.67 -18.74
CA LEU A 1029 -9.43 -49.62 -18.07
C LEU A 1029 -8.82 -48.25 -18.31
N ILE A 1030 -7.49 -48.16 -18.32
CA ILE A 1030 -6.82 -46.89 -18.58
C ILE A 1030 -7.22 -46.36 -19.95
N LEU A 1031 -6.99 -47.15 -20.99
CA LEU A 1031 -7.44 -46.84 -22.34
C LEU A 1031 -6.78 -45.57 -22.86
N ALA A 1032 -7.06 -45.18 -24.11
CA ALA A 1032 -6.54 -43.93 -24.65
C ALA A 1032 -7.02 -42.76 -23.80
N ASP A 1033 -6.09 -41.86 -23.48
CA ASP A 1033 -6.34 -40.77 -22.55
C ASP A 1033 -5.67 -39.51 -23.10
N ASN A 1034 -5.50 -38.51 -22.23
CA ASN A 1034 -4.88 -37.25 -22.63
C ASN A 1034 -3.40 -37.45 -22.93
N LYS A 1035 -2.71 -36.34 -23.18
CA LYS A 1035 -1.32 -36.38 -23.62
C LYS A 1035 -0.45 -37.19 -22.67
N ILE A 1036 0.41 -38.02 -23.24
CA ILE A 1036 1.20 -38.98 -22.46
C ILE A 1036 2.64 -38.96 -22.94
N PRO A 1037 3.57 -39.19 -22.03
CA PRO A 1037 4.99 -39.31 -22.42
C PRO A 1037 5.25 -40.59 -23.21
N PRO A 1038 6.51 -40.83 -23.64
CA PRO A 1038 6.82 -42.03 -24.43
C PRO A 1038 6.57 -43.34 -23.70
N ASP A 1039 6.05 -43.26 -22.47
CA ASP A 1039 5.64 -44.40 -21.68
C ASP A 1039 4.92 -45.47 -22.50
N THR A 1040 3.99 -45.06 -23.37
CA THR A 1040 3.05 -46.00 -23.96
C THR A 1040 3.63 -46.88 -25.07
N LYS A 1041 4.73 -46.48 -25.71
CA LYS A 1041 5.33 -47.38 -26.71
C LYS A 1041 5.84 -48.66 -26.07
N ALA A 1042 5.65 -49.76 -26.80
CA ALA A 1042 6.01 -51.11 -26.35
C ALA A 1042 5.38 -51.42 -24.99
N ALA A 1043 4.08 -51.17 -24.88
CA ALA A 1043 3.33 -51.47 -23.68
C ALA A 1043 2.79 -52.90 -23.76
N LEU A 1044 3.72 -53.85 -23.83
CA LEU A 1044 3.41 -55.28 -23.83
C LEU A 1044 2.44 -55.66 -24.95
N LEU A 1045 2.32 -54.83 -25.99
CA LEU A 1045 1.41 -55.16 -27.08
C LEU A 1045 1.94 -56.32 -27.91
N LEU A 1046 3.24 -56.29 -28.22
CA LEU A 1046 3.82 -57.36 -29.04
C LEU A 1046 3.96 -58.65 -28.25
N LEU A 1047 4.06 -58.56 -26.92
CA LEU A 1047 4.19 -59.77 -26.11
C LEU A 1047 2.91 -60.58 -26.11
N LEU A 1048 1.79 -60.00 -26.55
CA LEU A 1048 0.56 -60.76 -26.72
C LEU A 1048 0.74 -61.88 -27.73
N THR A 1049 1.35 -61.56 -28.87
CA THR A 1049 1.62 -62.53 -29.93
C THR A 1049 0.36 -63.28 -30.36
N PHE A 1059 -0.28 -63.77 -23.00
CA PHE A 1059 0.28 -64.50 -24.14
C PHE A 1059 -0.77 -65.42 -24.73
N GLN A 1060 -0.64 -66.72 -24.46
CA GLN A 1060 -1.65 -67.67 -24.94
C GLN A 1060 -2.95 -67.53 -24.17
N ALA A 1061 -2.87 -67.39 -22.85
CA ALA A 1061 -4.08 -67.24 -22.04
C ALA A 1061 -4.78 -65.91 -22.32
N ALA A 1062 -4.01 -64.85 -22.56
CA ALA A 1062 -4.61 -63.56 -22.86
C ALA A 1062 -5.43 -63.59 -24.13
N LEU A 1063 -4.91 -64.25 -25.18
CA LEU A 1063 -5.66 -64.37 -26.42
C LEU A 1063 -6.92 -65.21 -26.22
N GLY A 1064 -6.78 -66.37 -25.59
CA GLY A 1064 -7.94 -67.21 -25.35
C GLY A 1064 -8.94 -66.58 -24.39
N SER A 1065 -8.44 -66.00 -23.31
CA SER A 1065 -9.26 -65.34 -22.31
C SER A 1065 -9.01 -63.83 -22.41
N LEU A 1066 -9.75 -63.18 -23.28
CA LEU A 1066 -9.62 -61.73 -23.41
C LEU A 1066 -10.14 -61.04 -22.15
N PRO A 1067 -9.48 -59.98 -21.69
CA PRO A 1067 -9.93 -59.30 -20.46
C PRO A 1067 -11.31 -58.70 -20.61
N VAL A 1068 -12.30 -59.28 -19.93
CA VAL A 1068 -13.70 -58.87 -20.01
C VAL A 1068 -14.11 -58.80 -21.47
N ASP A 1069 -13.87 -57.64 -22.10
CA ASP A 1069 -14.15 -57.48 -23.52
C ASP A 1069 -13.26 -56.37 -24.06
N LYS A 1070 -12.17 -56.75 -24.73
CA LYS A 1070 -11.26 -55.77 -25.32
C LYS A 1070 -11.78 -55.24 -26.65
N ALA A 1071 -12.66 -56.01 -27.32
CA ALA A 1071 -13.15 -55.65 -28.64
C ALA A 1071 -14.04 -54.41 -28.63
N GLN A 1072 -14.45 -53.94 -27.46
CA GLN A 1072 -15.33 -52.76 -27.40
C GLN A 1072 -14.65 -51.55 -28.04
N GLU A 1073 -13.38 -51.33 -27.74
CA GLU A 1073 -12.61 -50.24 -28.32
C GLU A 1073 -11.41 -50.75 -29.11
N LEU A 1074 -10.65 -51.70 -28.57
CA LEU A 1074 -9.48 -52.25 -29.23
C LEU A 1074 -9.89 -53.59 -29.85
N GLN A 1075 -10.51 -53.51 -31.04
CA GLN A 1075 -10.92 -54.73 -31.72
C GLN A 1075 -9.72 -55.59 -32.10
N ALA A 1076 -8.67 -54.97 -32.62
CA ALA A 1076 -7.45 -55.68 -32.99
C ALA A 1076 -6.24 -55.22 -32.19
N VAL A 1077 -5.99 -53.92 -32.13
CA VAL A 1077 -4.86 -53.40 -31.39
C VAL A 1077 -5.14 -53.46 -29.89
N GLY B 8 -19.77 54.19 -1.15
CA GLY B 8 -19.44 53.87 0.23
C GLY B 8 -19.70 52.42 0.58
N GLU B 9 -18.74 51.55 0.27
CA GLU B 9 -18.86 50.12 0.55
C GLU B 9 -18.42 49.88 1.99
N VAL B 10 -19.27 49.19 2.76
CA VAL B 10 -18.98 48.90 4.15
C VAL B 10 -18.06 47.69 4.34
N PRO B 11 -18.21 46.55 3.61
CA PRO B 11 -17.44 45.36 3.98
C PRO B 11 -16.01 45.44 3.49
N THR B 12 -15.09 45.67 4.42
CA THR B 12 -13.65 45.72 4.14
C THR B 12 -12.98 44.57 4.87
N PHE B 13 -12.19 43.79 4.15
CA PHE B 13 -11.56 42.60 4.73
C PHE B 13 -10.15 42.48 4.18
N LYS B 14 -9.16 42.42 5.08
CA LYS B 14 -7.78 42.23 4.68
C LYS B 14 -7.46 40.74 4.63
N LEU B 15 -6.75 40.33 3.59
CA LEU B 15 -6.34 38.95 3.39
C LEU B 15 -4.83 38.90 3.24
N VAL B 16 -4.19 38.01 4.00
CA VAL B 16 -2.74 37.82 3.95
C VAL B 16 -2.48 36.38 3.51
N LEU B 17 -1.67 36.22 2.48
CA LEU B 17 -1.31 34.90 1.99
C LEU B 17 0.01 34.48 2.61
N VAL B 18 0.09 33.21 3.00
CA VAL B 18 1.27 32.67 3.65
C VAL B 18 1.76 31.45 2.87
N GLY B 19 3.06 31.24 2.89
CA GLY B 19 3.67 30.14 2.19
C GLY B 19 5.13 30.41 1.91
N ASP B 20 5.85 29.34 1.59
CA ASP B 20 7.27 29.46 1.28
C ASP B 20 7.47 30.17 -0.05
N GLY B 21 8.60 30.87 -0.16
CA GLY B 21 8.91 31.59 -1.38
C GLY B 21 9.05 30.67 -2.57
N GLY B 22 8.62 31.15 -3.73
CA GLY B 22 8.68 30.34 -4.93
C GLY B 22 7.81 29.10 -4.88
N THR B 23 6.58 29.24 -4.37
CA THR B 23 5.65 28.12 -4.26
C THR B 23 4.33 28.44 -4.95
N GLY B 24 4.37 29.23 -6.02
CA GLY B 24 3.20 29.54 -6.80
C GLY B 24 2.31 30.64 -6.26
N LYS B 25 2.74 31.32 -5.20
CA LYS B 25 1.91 32.37 -4.60
C LYS B 25 1.71 33.55 -5.55
N THR B 26 2.80 34.01 -6.17
CA THR B 26 2.69 35.10 -7.13
C THR B 26 1.84 34.70 -8.32
N THR B 27 2.05 33.48 -8.84
CA THR B 27 1.20 32.99 -9.91
C THR B 27 -0.25 32.90 -9.48
N PHE B 28 -0.48 32.46 -8.24
CA PHE B 28 -1.83 32.38 -7.70
C PHE B 28 -2.52 33.74 -7.73
N VAL B 29 -1.86 34.76 -7.16
CA VAL B 29 -2.49 36.07 -7.08
C VAL B 29 -2.65 36.69 -8.47
N LYS B 30 -1.66 36.50 -9.35
CA LYS B 30 -1.75 37.10 -10.68
C LYS B 30 -2.82 36.43 -11.51
N ARG B 31 -3.04 35.12 -11.32
CA ARG B 31 -4.14 34.45 -12.00
C ARG B 31 -5.48 34.91 -11.46
N HIS B 32 -5.57 35.17 -10.15
CA HIS B 32 -6.77 35.79 -9.61
C HIS B 32 -6.93 37.24 -10.06
N LEU B 33 -5.88 37.87 -10.57
CA LEU B 33 -6.01 39.22 -11.12
C LEU B 33 -6.70 39.18 -12.49
N THR B 34 -6.11 38.52 -13.47
CA THR B 34 -6.66 38.52 -14.82
C THR B 34 -6.87 37.11 -15.37
N GLY B 35 -6.07 36.15 -14.92
CA GLY B 35 -6.25 34.77 -15.34
C GLY B 35 -5.29 34.30 -16.42
N GLU B 36 -4.01 34.66 -16.31
CA GLU B 36 -3.00 34.20 -17.24
C GLU B 36 -1.74 33.80 -16.48
N PHE B 37 -0.92 32.99 -17.13
CA PHE B 37 0.35 32.54 -16.58
C PHE B 37 1.50 33.15 -17.34
N GLU B 38 2.44 33.73 -16.61
CA GLU B 38 3.65 34.31 -17.20
C GLU B 38 4.82 33.36 -16.97
N LYS B 39 5.62 33.17 -18.01
CA LYS B 39 6.57 32.06 -18.07
C LYS B 39 7.80 32.25 -17.20
N LYS B 40 8.47 33.41 -17.30
CA LYS B 40 9.73 33.60 -16.59
C LYS B 40 9.50 33.57 -15.09
N TYR B 41 10.43 32.94 -14.36
CA TYR B 41 10.35 32.84 -12.91
C TYR B 41 11.18 33.95 -12.29
N ILE B 42 10.54 34.75 -11.44
CA ILE B 42 11.21 35.78 -10.65
C ILE B 42 10.91 35.50 -9.19
N ALA B 43 11.97 35.37 -8.39
CA ALA B 43 11.80 35.14 -6.96
C ALA B 43 11.05 36.30 -6.33
N THR B 44 9.85 36.02 -5.83
CA THR B 44 9.02 37.08 -5.27
C THR B 44 9.65 37.66 -4.01
N ILE B 45 9.70 38.98 -3.95
CA ILE B 45 10.35 39.68 -2.85
C ILE B 45 9.42 40.79 -2.37
N GLY B 46 9.58 41.16 -1.10
CA GLY B 46 8.80 42.23 -0.53
C GLY B 46 7.33 41.90 -0.36
N VAL B 47 6.46 42.87 -0.62
CA VAL B 47 5.02 42.69 -0.46
C VAL B 47 4.33 43.70 -1.37
N GLU B 48 3.12 43.36 -1.81
CA GLU B 48 2.36 44.24 -2.68
C GLU B 48 0.87 44.04 -2.41
N VAL B 49 0.08 45.04 -2.75
CA VAL B 49 -1.36 45.04 -2.50
C VAL B 49 -2.10 45.00 -3.83
N HIS B 50 -3.03 44.06 -3.96
CA HIS B 50 -3.85 43.90 -5.15
C HIS B 50 -5.32 44.01 -4.74
N PRO B 51 -5.88 45.21 -4.75
CA PRO B 51 -7.30 45.38 -4.41
C PRO B 51 -8.19 44.62 -5.38
N LEU B 52 -8.89 43.62 -4.86
CA LEU B 52 -9.76 42.77 -5.66
C LEU B 52 -11.17 42.79 -5.08
N SER B 53 -12.16 43.03 -5.93
CA SER B 53 -13.56 43.01 -5.56
C SER B 53 -14.28 41.95 -6.38
N PHE B 54 -14.98 41.05 -5.69
CA PHE B 54 -15.69 39.95 -6.34
C PHE B 54 -17.20 40.07 -6.07
N TYR B 55 -17.98 39.50 -6.98
CA TYR B 55 -19.43 39.64 -6.95
C TYR B 55 -20.07 38.51 -6.13
N THR B 56 -20.98 38.89 -5.25
CA THR B 56 -21.79 37.96 -4.48
C THR B 56 -23.20 38.53 -4.39
N ASN B 57 -24.06 37.89 -3.59
CA ASN B 57 -25.43 38.35 -3.45
C ASN B 57 -25.51 39.74 -2.81
N PHE B 58 -24.44 40.19 -2.17
CA PHE B 58 -24.38 41.53 -1.59
C PHE B 58 -23.68 42.53 -2.49
N GLY B 59 -23.43 42.17 -3.74
CA GLY B 59 -22.76 43.06 -4.67
C GLY B 59 -21.28 42.78 -4.78
N GLU B 60 -20.54 43.82 -5.16
CA GLU B 60 -19.10 43.71 -5.30
C GLU B 60 -18.42 44.02 -3.97
N ILE B 61 -17.61 43.08 -3.49
CA ILE B 61 -16.95 43.20 -2.19
C ILE B 61 -15.44 43.28 -2.43
N LYS B 62 -14.81 44.28 -1.83
CA LYS B 62 -13.38 44.51 -2.01
C LYS B 62 -12.58 43.77 -0.95
N PHE B 63 -11.38 43.32 -1.34
CA PHE B 63 -10.50 42.57 -0.46
C PHE B 63 -9.06 43.04 -0.65
N ASP B 64 -8.21 42.71 0.33
CA ASP B 64 -6.82 43.13 0.36
C ASP B 64 -5.93 41.94 0.05
N VAL B 65 -4.75 42.21 -0.51
CA VAL B 65 -3.76 41.20 -0.85
C VAL B 65 -2.40 41.64 -0.32
N TRP B 66 -1.64 40.68 0.21
CA TRP B 66 -0.30 40.92 0.73
C TRP B 66 0.64 39.91 0.11
N ASP B 67 1.46 40.35 -0.85
CA ASP B 67 2.36 39.47 -1.59
C ASP B 67 3.66 39.22 -0.82
N THR B 68 3.50 38.58 0.35
CA THR B 68 4.63 38.33 1.23
C THR B 68 5.44 37.14 0.71
N ALA B 69 6.72 37.37 0.47
CA ALA B 69 7.62 36.32 -0.01
C ALA B 69 9.06 36.82 0.05
N GLY B 70 9.99 35.88 -0.05
CA GLY B 70 11.40 36.21 -0.19
C GLY B 70 12.24 35.90 1.03
N LEU B 71 12.95 34.76 0.99
CA LEU B 71 13.93 34.41 2.02
C LEU B 71 15.32 34.76 1.50
N GLU B 72 15.54 36.05 1.31
CA GLU B 72 16.82 36.53 0.81
C GLU B 72 17.36 37.65 1.70
N LYS B 73 16.47 38.49 2.23
CA LYS B 73 16.89 39.62 3.04
C LYS B 73 17.51 39.16 4.35
N PHE B 74 18.54 39.88 4.79
CA PHE B 74 19.20 39.55 6.06
C PHE B 74 18.26 39.80 7.23
N GLY B 75 17.54 40.92 7.22
CA GLY B 75 16.66 41.24 8.33
C GLY B 75 15.41 40.36 8.32
N GLY B 76 15.03 39.87 9.49
CA GLY B 76 13.86 39.03 9.61
C GLY B 76 12.59 39.80 9.94
N LEU B 77 11.75 40.01 8.93
CA LEU B 77 10.49 40.73 9.09
C LEU B 77 9.28 39.89 8.72
N ARG B 78 9.45 38.57 8.61
CA ARG B 78 8.36 37.71 8.16
C ARG B 78 7.19 37.72 9.12
N ASP B 79 7.45 37.94 10.41
CA ASP B 79 6.40 37.88 11.42
C ASP B 79 5.57 39.16 11.50
N GLY B 80 6.03 40.26 10.90
CA GLY B 80 5.29 41.51 11.00
C GLY B 80 3.96 41.48 10.28
N TYR B 81 3.88 40.78 9.15
CA TYR B 81 2.66 40.77 8.36
C TYR B 81 1.53 40.02 9.04
N TYR B 82 1.85 39.22 10.06
CA TYR B 82 0.90 38.31 10.69
C TYR B 82 -0.06 39.01 11.64
N ILE B 83 0.14 40.31 11.91
CA ILE B 83 -0.69 41.00 12.89
C ILE B 83 -1.94 41.54 12.21
N ASN B 84 -3.07 41.47 12.94
CA ASN B 84 -4.35 42.06 12.54
C ASN B 84 -4.98 41.33 11.36
N ALA B 85 -4.30 40.30 10.84
CA ALA B 85 -4.90 39.49 9.78
C ALA B 85 -5.96 38.57 10.35
N GLN B 86 -7.08 38.45 9.63
CA GLN B 86 -8.17 37.57 10.05
C GLN B 86 -8.33 36.35 9.17
N CYS B 87 -7.58 36.24 8.07
CA CYS B 87 -7.69 35.10 7.19
C CYS B 87 -6.38 34.90 6.45
N ALA B 88 -6.05 33.63 6.18
CA ALA B 88 -4.83 33.30 5.45
C ALA B 88 -5.04 32.01 4.68
N ILE B 89 -4.23 31.83 3.64
CA ILE B 89 -4.29 30.66 2.79
C ILE B 89 -2.89 30.07 2.67
N ILE B 90 -2.80 28.75 2.74
CA ILE B 90 -1.52 28.04 2.80
C ILE B 90 -1.34 27.21 1.53
N MET B 91 -0.13 27.22 0.99
CA MET B 91 0.24 26.45 -0.19
C MET B 91 1.09 25.24 0.21
N PHE B 92 1.23 24.31 -0.73
CA PHE B 92 2.21 23.24 -0.64
C PHE B 92 2.38 22.63 -2.02
N ASP B 93 3.58 22.13 -2.28
CA ASP B 93 3.88 21.49 -3.56
C ASP B 93 3.60 19.99 -3.47
N VAL B 94 3.04 19.45 -4.56
CA VAL B 94 2.63 18.05 -4.60
C VAL B 94 3.75 17.12 -5.05
N THR B 95 4.90 17.67 -5.42
CA THR B 95 6.00 16.89 -5.99
C THR B 95 7.14 16.74 -4.98
N SER B 96 6.94 17.22 -3.76
CA SER B 96 8.01 17.18 -2.77
C SER B 96 7.44 16.97 -1.38
N ARG B 97 8.17 16.21 -0.56
CA ARG B 97 7.77 15.95 0.81
C ARG B 97 8.02 17.13 1.74
N ILE B 98 8.92 18.04 1.34
CA ILE B 98 9.33 19.12 2.24
C ILE B 98 8.17 20.04 2.57
N THR B 99 7.33 20.35 1.57
CA THR B 99 6.17 21.21 1.82
C THR B 99 5.22 20.57 2.81
N TYR B 100 4.95 19.27 2.63
CA TYR B 100 4.01 18.59 3.51
C TYR B 100 4.55 18.49 4.93
N LYS B 101 5.86 18.24 5.08
CA LYS B 101 6.42 18.18 6.44
C LYS B 101 6.61 19.57 7.02
N ASN B 102 6.55 20.61 6.20
CA ASN B 102 6.61 21.99 6.69
C ASN B 102 5.22 22.52 7.05
N VAL B 103 4.16 21.88 6.55
CA VAL B 103 2.80 22.27 6.97
C VAL B 103 2.64 22.35 8.48
N PRO B 104 3.08 21.37 9.28
CA PRO B 104 2.95 21.53 10.74
C PRO B 104 3.75 22.69 11.30
N ASN B 105 4.90 23.02 10.70
CA ASN B 105 5.63 24.21 11.13
C ASN B 105 4.81 25.47 10.86
N TRP B 106 4.16 25.53 9.71
CA TRP B 106 3.28 26.65 9.43
C TRP B 106 2.11 26.68 10.40
N HIS B 107 1.62 25.50 10.80
CA HIS B 107 0.55 25.43 11.78
C HIS B 107 0.98 26.02 13.11
N ARG B 108 2.17 25.63 13.59
CA ARG B 108 2.62 26.14 14.88
C ARG B 108 2.87 27.65 14.81
N ASP B 109 3.46 28.15 13.72
CA ASP B 109 3.68 29.59 13.67
C ASP B 109 2.37 30.36 13.57
N LEU B 110 1.39 29.83 12.83
CA LEU B 110 0.11 30.54 12.72
C LEU B 110 -0.64 30.50 14.05
N VAL B 111 -0.57 29.39 14.78
CA VAL B 111 -1.29 29.35 16.05
C VAL B 111 -0.60 30.23 17.08
N ARG B 112 0.74 30.35 17.02
CA ARG B 112 1.37 31.32 17.91
C ARG B 112 1.13 32.75 17.44
N VAL B 113 0.69 32.93 16.19
CA VAL B 113 0.22 34.25 15.78
C VAL B 113 -1.15 34.55 16.39
N CYS B 114 -2.13 33.70 16.07
CA CYS B 114 -3.50 33.89 16.57
C CYS B 114 -4.05 32.55 17.02
N GLU B 115 -5.01 32.59 17.95
CA GLU B 115 -5.54 31.35 18.52
C GLU B 115 -6.53 30.69 17.56
N ASN B 116 -7.27 31.47 16.78
CA ASN B 116 -8.11 30.89 15.73
C ASN B 116 -8.21 31.83 14.53
N ILE B 117 -7.91 31.29 13.36
CA ILE B 117 -8.07 31.99 12.08
C ILE B 117 -8.56 30.97 11.05
N PRO B 118 -9.56 31.29 10.24
CA PRO B 118 -9.99 30.34 9.20
C PRO B 118 -8.91 30.08 8.16
N ILE B 119 -8.40 28.85 8.13
CA ILE B 119 -7.33 28.47 7.22
C ILE B 119 -7.80 27.27 6.41
N VAL B 120 -7.54 27.30 5.11
CA VAL B 120 -7.88 26.21 4.20
C VAL B 120 -6.61 25.70 3.55
N LEU B 121 -6.39 24.40 3.65
CA LEU B 121 -5.25 23.78 2.99
C LEU B 121 -5.45 23.78 1.49
N CYS B 122 -4.41 24.16 0.75
CA CYS B 122 -4.50 24.24 -0.71
C CYS B 122 -3.15 23.86 -1.31
N GLY B 123 -3.19 23.03 -2.35
CA GLY B 123 -1.97 22.61 -3.03
C GLY B 123 -2.00 22.91 -4.52
N ASN B 124 -0.97 23.59 -5.01
CA ASN B 124 -0.91 24.00 -6.40
C ASN B 124 -0.16 22.96 -7.24
N LYS B 125 0.05 23.29 -8.52
CA LYS B 125 0.77 22.44 -9.47
C LYS B 125 0.17 21.05 -9.57
N VAL B 126 -1.16 20.95 -9.55
CA VAL B 126 -1.83 19.66 -9.73
C VAL B 126 -2.06 19.32 -11.20
N ASP B 127 -1.80 20.26 -12.11
CA ASP B 127 -2.04 20.03 -13.53
C ASP B 127 -1.16 18.91 -14.09
N VAL B 128 -0.05 18.59 -13.42
CA VAL B 128 0.81 17.51 -13.88
C VAL B 128 0.07 16.19 -13.83
N LYS B 129 0.25 15.37 -14.86
CA LYS B 129 -0.49 14.11 -14.96
C LYS B 129 -0.07 13.12 -13.88
N GLU B 130 1.20 13.15 -13.48
CA GLU B 130 1.71 12.26 -12.44
C GLU B 130 1.69 13.00 -11.10
N ARG B 131 1.17 12.34 -10.07
CA ARG B 131 0.93 12.95 -8.77
C ARG B 131 1.66 12.14 -7.71
N LYS B 132 2.50 12.82 -6.92
CA LYS B 132 3.27 12.15 -5.89
C LYS B 132 2.51 12.01 -4.57
N VAL B 133 1.91 13.09 -4.09
CA VAL B 133 1.29 13.09 -2.76
C VAL B 133 -0.06 12.41 -2.89
N LYS B 134 -0.10 11.10 -2.67
CA LYS B 134 -1.32 10.33 -2.82
C LYS B 134 -2.30 10.62 -1.69
N ALA B 135 -3.59 10.45 -2.00
CA ALA B 135 -4.65 11.07 -1.21
C ALA B 135 -4.65 10.62 0.25
N LYS B 136 -4.38 9.35 0.51
CA LYS B 136 -4.42 8.86 1.88
C LYS B 136 -3.35 9.51 2.75
N THR B 137 -2.31 10.10 2.14
CA THR B 137 -1.34 10.85 2.93
C THR B 137 -1.94 12.12 3.51
N ILE B 138 -2.94 12.71 2.83
CA ILE B 138 -3.50 13.98 3.25
C ILE B 138 -4.50 13.69 4.38
N THR B 139 -3.99 13.66 5.61
CA THR B 139 -4.83 13.45 6.79
C THR B 139 -4.53 14.42 7.92
N PHE B 140 -3.46 15.23 7.80
CA PHE B 140 -3.09 16.14 8.88
C PHE B 140 -4.19 17.17 9.13
N HIS B 141 -4.77 17.71 8.07
CA HIS B 141 -5.77 18.77 8.22
C HIS B 141 -7.02 18.27 8.93
N ARG B 142 -7.45 17.04 8.62
CA ARG B 142 -8.66 16.51 9.23
C ARG B 142 -8.50 16.35 10.73
N LYS B 143 -7.39 15.74 11.17
CA LYS B 143 -7.17 15.52 12.59
C LYS B 143 -6.75 16.78 13.33
N LYS B 144 -6.23 17.78 12.61
CA LYS B 144 -5.97 19.08 13.21
C LYS B 144 -7.11 20.07 13.01
N ASN B 145 -8.21 19.63 12.39
CA ASN B 145 -9.40 20.47 12.17
C ASN B 145 -9.07 21.62 11.23
N LEU B 146 -8.45 21.30 10.11
CA LEU B 146 -8.19 22.25 9.03
C LEU B 146 -8.96 21.85 7.79
N GLN B 147 -9.65 22.80 7.19
CA GLN B 147 -10.41 22.54 5.98
C GLN B 147 -9.49 22.53 4.76
N TYR B 148 -9.92 21.83 3.70
CA TYR B 148 -9.09 21.66 2.51
C TYR B 148 -9.90 21.89 1.24
N TYR B 149 -9.34 22.72 0.36
CA TYR B 149 -9.76 22.85 -1.04
C TYR B 149 -8.59 22.55 -1.95
N ASP B 150 -8.89 22.18 -3.18
CA ASP B 150 -7.90 21.97 -4.22
C ASP B 150 -7.95 23.08 -5.25
N ILE B 151 -6.81 23.38 -5.86
CA ILE B 151 -6.69 24.44 -6.85
C ILE B 151 -6.11 23.85 -8.14
N SER B 152 -6.62 24.30 -9.28
CA SER B 152 -6.15 23.85 -10.58
C SER B 152 -5.30 24.94 -11.22
N ALA B 153 -4.11 24.56 -11.69
CA ALA B 153 -3.22 25.52 -12.31
C ALA B 153 -3.65 25.92 -13.72
N LYS B 154 -4.56 25.17 -14.34
CA LYS B 154 -5.01 25.44 -15.70
C LYS B 154 -6.48 25.82 -15.78
N SER B 155 -7.37 25.00 -15.21
CA SER B 155 -8.81 25.16 -15.37
C SER B 155 -9.41 26.15 -14.37
N ASN B 156 -8.59 26.73 -13.49
CA ASN B 156 -9.08 27.68 -12.49
C ASN B 156 -10.15 27.05 -11.61
N TYR B 157 -10.01 25.76 -11.33
CA TYR B 157 -10.97 25.07 -10.50
C TYR B 157 -10.85 25.59 -9.06
N ASN B 158 -11.99 25.84 -8.43
CA ASN B 158 -12.05 26.55 -7.15
C ASN B 158 -11.43 27.93 -7.26
N PHE B 159 -11.88 28.68 -8.27
CA PHE B 159 -11.44 30.06 -8.44
C PHE B 159 -12.14 31.01 -7.48
N GLU B 160 -13.37 30.70 -7.07
CA GLU B 160 -14.16 31.59 -6.21
C GLU B 160 -14.62 30.87 -4.95
N LYS B 161 -14.80 29.55 -5.04
CA LYS B 161 -15.36 28.82 -3.91
C LYS B 161 -14.50 28.81 -2.66
N PRO B 162 -13.14 28.84 -2.71
CA PRO B 162 -12.41 29.11 -1.46
C PRO B 162 -12.74 30.46 -0.86
N PHE B 163 -12.90 31.48 -1.72
CA PHE B 163 -13.28 32.79 -1.23
C PHE B 163 -14.72 32.78 -0.73
N LEU B 164 -15.57 31.95 -1.33
CA LEU B 164 -16.92 31.77 -0.81
C LEU B 164 -16.89 31.17 0.60
N TRP B 165 -16.02 30.17 0.81
CA TRP B 165 -15.84 29.60 2.14
C TRP B 165 -15.33 30.65 3.13
N LEU B 166 -14.40 31.50 2.68
CA LEU B 166 -13.94 32.61 3.50
C LEU B 166 -15.10 33.53 3.87
N ALA B 167 -15.99 33.80 2.92
CA ALA B 167 -17.16 34.63 3.21
C ALA B 167 -18.08 33.94 4.22
N ARG B 168 -18.27 32.63 4.08
CA ARG B 168 -19.03 31.89 5.09
C ARG B 168 -18.46 32.11 6.48
N LYS B 169 -17.14 31.94 6.63
CA LYS B 169 -16.54 32.12 7.96
C LYS B 169 -16.59 33.57 8.42
N LEU B 170 -16.54 34.53 7.49
CA LEU B 170 -16.69 35.93 7.87
C LEU B 170 -18.08 36.20 8.44
N ALA B 171 -19.11 35.67 7.81
CA ALA B 171 -20.49 35.97 8.22
C ALA B 171 -21.13 34.86 9.04
N GLY B 172 -21.05 33.62 8.60
CA GLY B 172 -21.71 32.52 9.28
C GLY B 172 -23.14 32.29 8.89
N ASN B 173 -23.72 33.16 8.05
CA ASN B 173 -25.08 32.98 7.58
C ASN B 173 -25.07 32.23 6.26
N PRO B 174 -25.68 31.05 6.17
CA PRO B 174 -25.54 30.21 4.97
C PRO B 174 -26.21 30.77 3.72
N GLN B 175 -26.74 31.99 3.74
CA GLN B 175 -27.45 32.54 2.60
C GLN B 175 -26.53 33.31 1.65
N LEU B 176 -25.22 33.30 1.88
CA LEU B 176 -24.28 34.00 1.01
C LEU B 176 -24.07 33.19 -0.26
N GLU B 177 -24.46 33.75 -1.41
CA GLU B 177 -24.33 33.03 -2.68
C GLU B 177 -23.52 33.85 -3.68
N PHE B 178 -23.43 33.35 -4.91
CA PHE B 178 -22.65 34.01 -5.95
C PHE B 178 -23.21 35.37 -6.33
#